data_6RRJ
#
_entry.id   6RRJ
#
_cell.length_a   89.354
_cell.length_b   91.517
_cell.length_c   132.748
_cell.angle_alpha   90.000
_cell.angle_beta   90.000
_cell.angle_gamma   90.000
#
_symmetry.space_group_name_H-M   'P 21 21 21'
#
loop_
_entity.id
_entity.type
_entity.pdbx_description
1 polymer 'Alpha-mannosidase 2'
2 non-polymer (2~{S},3~{R},4~{S},5~{R})-~{N}-[5-(1-adamantylmethoxy)pentyl]-5-(hydroxymethyl)-3,4-bis(oxidanyl)pyrrolidine-2-carboxamide
3 non-polymer 1,2-ETHANEDIOL
4 non-polymer 'ZINC ION'
5 water water
#
_entity_poly.entity_id   1
_entity_poly.type   'polypeptide(L)'
_entity_poly.pdbx_seq_one_letter_code
;DDPIRPPLKVARSPRPGQCQDVVQDVPNVDVQMLELYDRMSFKDIDGGVWKQGWNIKYDPLKYNAHHKLKVFVVPHSHND
PGWIQTFEEYYQHDTKHILSNALRHLHDNPEMKFIWAEISYFARFYHDLGENKKLQMKSIVKNGQLEFVTGGWVMPDEAN
SHWRNVLLQLTEGQTWLKQFMNVTPTASWAIDPFGHSPTMPYILQKSGFKNMLIQRTHYSVKKELAQQRQLEFLWRQIWD
NKGDTALFTHMMPFYSYDIPHTCGPDPKVCCQFDFKRMGSFGLSCPWKVPPRTISDQNVAARSDLLVDQWKKKAELYRTN
VLLIPLGDDFRFKQNTEWDVQRVNYERLFEHINSQAHFNVQAQFGTLQEYFDAVHQAERAGQAEFPTLSGDFFTYADRSD
NYWSGYYTSRPYHKRMDRVLMHYVRAAEMLSAWHSWDGMARIEERLEQARRELSLFQHHDGITGTAKTHVVVDYEQRMQE
ALKACQMVMQQSVYRLLTKPSIYSPDFSFSYFTLDDSRWPGSGVEDSRTTIILGEDILPSKHVVMHNTLPHWREQLVDFY
VSSPFVSVTDLANNPVEAQVSPVWSWHHDTLTKTIHPQGSTTKYRIIFKARVPPMGLATYVLTISDSKPEHTSYASNLLL
RKNPTSLPLGQYPEDVKFGDPREISLRVGNGPTLAFSEQGLLKSIQLTQDSPHVPVHFKFLKYGVRSHGDRSGAYLFLPN
GPASPVELGQPVVLVTKGKLESSVSVGLPSVVHQTIMRGGAPEIRNLVDIGSLDNTEIVMRLETHIDSGDIFYTDLNGLQ
FIKRRRLDKLPLQANYYPIPSGMFIEDANTRLTLLTGQPLGGSSLASGELEIMQDRRLASDDERGLGQGVLDNKPVLHIY
RLVLEKVNNCVRPSELHPAGYLTSAAHKASQSLLDPLDKFIFAENEWIGAQGQFGGDHPSAREDLDVSVMRRLTKSSAKT
QRVGYVLHRTNLMQCGTPEEHTQKLDVCHLLPNVARCERTTLTFLQNLEHLDGMVAPEVCPMETAAYVSSHSS
;
_entity_poly.pdbx_strand_id   A
#
# COMPACT_ATOMS: atom_id res chain seq x y z
N CYS A 19 19.55 -11.57 -17.53
CA CYS A 19 18.96 -11.36 -16.18
C CYS A 19 19.95 -11.77 -15.09
N GLN A 20 20.03 -10.97 -14.03
CA GLN A 20 20.68 -11.32 -12.75
C GLN A 20 19.99 -12.53 -12.16
N ASP A 21 20.71 -13.27 -11.32
CA ASP A 21 20.15 -14.26 -10.37
C ASP A 21 20.03 -13.55 -9.01
N VAL A 22 18.89 -13.73 -8.36
CA VAL A 22 18.44 -12.93 -7.18
C VAL A 22 18.32 -13.88 -6.00
N VAL A 23 18.92 -15.06 -6.12
CA VAL A 23 18.77 -16.23 -5.20
C VAL A 23 20.15 -16.68 -4.68
N GLN A 24 21.11 -16.91 -5.58
CA GLN A 24 22.44 -17.52 -5.31
C GLN A 24 23.42 -16.44 -4.84
N ASP A 25 23.62 -15.40 -5.66
CA ASP A 25 24.55 -14.28 -5.39
C ASP A 25 23.92 -13.30 -4.38
N VAL A 26 24.61 -13.09 -3.26
CA VAL A 26 24.29 -12.02 -2.25
C VAL A 26 24.96 -10.73 -2.72
N PRO A 27 24.22 -9.59 -2.85
CA PRO A 27 24.87 -8.29 -3.10
C PRO A 27 25.83 -7.90 -1.96
N ASN A 28 26.92 -7.21 -2.29
CA ASN A 28 27.92 -6.68 -1.33
C ASN A 28 27.66 -5.19 -1.18
N VAL A 29 27.25 -4.74 0.00
CA VAL A 29 26.97 -3.29 0.26
C VAL A 29 27.63 -2.90 1.56
N ASP A 30 27.89 -1.61 1.74
CA ASP A 30 28.59 -1.07 2.94
C ASP A 30 27.64 -1.20 4.12
N VAL A 31 26.36 -0.89 3.93
CA VAL A 31 25.32 -0.99 5.00
C VAL A 31 24.24 -1.96 4.55
N GLN A 32 24.11 -3.09 5.22
CA GLN A 32 22.95 -4.00 5.05
C GLN A 32 22.15 -3.89 6.34
N MET A 33 20.92 -3.38 6.28
CA MET A 33 20.20 -2.85 7.47
C MET A 33 19.93 -3.99 8.48
N LEU A 34 19.60 -5.20 8.02
CA LEU A 34 19.38 -6.35 8.95
C LEU A 34 20.70 -6.65 9.70
N GLU A 35 21.81 -6.68 8.98
CA GLU A 35 23.16 -6.91 9.55
C GLU A 35 23.47 -5.78 10.55
N LEU A 36 23.24 -4.52 10.15
CA LEU A 36 23.49 -3.33 11.02
C LEU A 36 22.67 -3.48 12.29
N TYR A 37 21.43 -3.93 12.17
CA TYR A 37 20.48 -4.08 13.32
C TYR A 37 21.05 -5.10 14.33
N ASP A 38 21.73 -6.14 13.84
CA ASP A 38 22.32 -7.22 14.66
C ASP A 38 23.42 -6.62 15.55
N ARG A 39 24.34 -5.86 14.95
CA ARG A 39 25.44 -5.14 15.65
C ARG A 39 24.92 -4.11 16.65
N MET A 40 23.99 -3.25 16.24
CA MET A 40 23.65 -2.00 16.96
C MET A 40 23.14 -2.35 18.35
N SER A 41 23.47 -1.52 19.34
CA SER A 41 23.07 -1.71 20.77
C SER A 41 21.79 -0.93 21.03
N PHE A 42 21.49 0.08 20.20
CA PHE A 42 20.25 0.88 20.35
C PHE A 42 20.15 1.53 21.73
N LYS A 43 21.28 1.89 22.37
CA LYS A 43 21.27 2.61 23.67
C LYS A 43 20.67 4.01 23.48
N ASP A 44 19.68 4.37 24.30
CA ASP A 44 19.01 5.68 24.35
C ASP A 44 19.75 6.58 25.37
N ILE A 45 21.03 6.90 25.10
CA ILE A 45 21.87 7.77 25.99
C ILE A 45 21.58 9.25 25.66
N ASP A 46 21.54 10.09 26.68
CA ASP A 46 21.39 11.56 26.53
C ASP A 46 22.66 12.10 25.86
N GLY A 47 22.53 12.65 24.65
CA GLY A 47 23.67 13.05 23.78
C GLY A 47 24.01 14.52 23.96
N GLY A 48 23.17 15.26 24.68
CA GLY A 48 23.36 16.69 24.95
C GLY A 48 22.29 17.52 24.29
N VAL A 49 22.67 18.69 23.74
CA VAL A 49 21.75 19.61 23.00
C VAL A 49 21.09 18.79 21.88
N TRP A 50 21.88 17.96 21.18
CA TRP A 50 21.37 16.90 20.28
C TRP A 50 21.09 15.64 21.12
N LYS A 51 19.85 15.50 21.58
CA LYS A 51 19.45 14.54 22.66
C LYS A 51 19.81 13.11 22.26
N GLN A 52 19.70 12.77 20.97
CA GLN A 52 19.86 11.38 20.47
C GLN A 52 21.13 11.22 19.65
N GLY A 53 22.06 12.18 19.69
CA GLY A 53 23.38 12.05 19.04
C GLY A 53 24.53 12.28 20.02
N TRP A 54 25.42 13.22 19.70
CA TRP A 54 26.56 13.64 20.53
C TRP A 54 26.83 15.14 20.35
N ASN A 55 27.83 15.68 21.05
CA ASN A 55 28.32 17.06 20.81
C ASN A 55 29.21 17.03 19.57
N ILE A 56 28.75 17.58 18.45
CA ILE A 56 29.57 17.60 17.21
C ILE A 56 30.72 18.60 17.38
N LYS A 57 31.90 18.15 16.97
CA LYS A 57 33.11 19.00 16.89
C LYS A 57 33.47 19.08 15.42
N TYR A 58 33.90 20.26 14.98
CA TYR A 58 34.60 20.45 13.70
C TYR A 58 35.89 21.23 13.98
N ASP A 59 36.94 20.86 13.24
CA ASP A 59 38.18 21.63 13.02
C ASP A 59 37.85 22.89 12.21
N PRO A 60 38.01 24.12 12.75
CA PRO A 60 37.70 25.33 11.97
C PRO A 60 38.63 25.63 10.77
N LEU A 61 39.79 24.96 10.68
CA LEU A 61 40.78 25.11 9.58
C LEU A 61 40.37 24.25 8.37
N LYS A 62 39.36 23.38 8.56
CA LYS A 62 38.66 22.63 7.49
C LYS A 62 38.22 23.59 6.38
N TYR A 63 37.77 24.80 6.74
CA TYR A 63 37.24 25.84 5.82
C TYR A 63 38.22 27.00 5.69
N ASN A 64 38.28 27.54 4.47
CA ASN A 64 39.27 28.52 3.96
C ASN A 64 38.77 28.97 2.57
N ALA A 65 39.37 30.02 2.00
CA ALA A 65 38.83 30.76 0.83
C ALA A 65 38.70 29.84 -0.41
N HIS A 66 39.48 28.75 -0.48
CA HIS A 66 39.53 27.76 -1.60
C HIS A 66 38.72 26.49 -1.30
N HIS A 67 38.36 26.23 -0.03
CA HIS A 67 37.44 25.13 0.36
C HIS A 67 36.35 25.68 1.30
N LYS A 68 35.31 26.30 0.74
CA LYS A 68 34.23 27.00 1.49
C LYS A 68 33.01 26.08 1.75
N LEU A 69 32.15 26.47 2.69
CA LEU A 69 30.90 25.72 2.94
C LEU A 69 29.85 26.36 2.06
N LYS A 70 29.23 25.58 1.17
CA LYS A 70 28.11 26.05 0.33
C LYS A 70 26.79 25.62 0.98
N VAL A 71 25.98 26.60 1.37
CA VAL A 71 24.73 26.38 2.14
C VAL A 71 23.52 26.72 1.25
N PHE A 72 22.71 25.71 0.98
CA PHE A 72 21.37 25.82 0.33
C PHE A 72 20.30 25.78 1.42
N VAL A 73 19.67 26.93 1.65
CA VAL A 73 18.49 27.11 2.54
C VAL A 73 17.25 26.96 1.67
N VAL A 74 16.46 25.93 1.91
CA VAL A 74 15.37 25.47 1.00
C VAL A 74 14.05 25.65 1.74
N PRO A 75 13.29 26.74 1.49
CA PRO A 75 11.97 26.93 2.11
C PRO A 75 10.95 25.90 1.62
N HIS A 76 10.07 25.43 2.50
CA HIS A 76 9.06 24.38 2.19
C HIS A 76 7.86 24.54 3.13
N SER A 77 6.76 23.90 2.80
CA SER A 77 5.48 23.97 3.54
C SER A 77 4.87 22.56 3.46
N HIS A 78 4.80 21.88 4.58
CA HIS A 78 4.33 20.48 4.62
C HIS A 78 2.81 20.54 4.70
N ASN A 79 2.14 20.14 3.63
CA ASN A 79 0.68 20.20 3.47
C ASN A 79 0.16 18.76 3.48
N ASP A 80 -0.58 18.39 4.54
CA ASP A 80 -1.29 17.09 4.67
C ASP A 80 -2.61 17.17 3.92
N PRO A 81 -2.82 16.35 2.83
CA PRO A 81 -4.13 16.17 2.16
C PRO A 81 -5.15 15.42 3.02
N GLY A 82 -5.41 15.97 4.20
CA GLY A 82 -6.21 15.36 5.26
C GLY A 82 -5.35 14.94 6.44
N TRP A 83 -5.82 15.27 7.65
CA TRP A 83 -5.29 14.76 8.94
C TRP A 83 -6.26 15.18 10.05
N ILE A 84 -6.06 16.39 10.61
CA ILE A 84 -6.91 17.03 11.67
C ILE A 84 -8.14 17.62 10.99
N GLN A 85 -7.97 18.09 9.75
CA GLN A 85 -9.04 18.60 8.87
C GLN A 85 -9.03 17.77 7.60
N THR A 86 -10.11 17.82 6.82
CA THR A 86 -10.21 17.13 5.51
C THR A 86 -9.35 17.90 4.50
N PHE A 87 -9.10 17.29 3.35
CA PHE A 87 -8.44 17.95 2.19
C PHE A 87 -9.04 19.35 1.95
N GLU A 88 -10.38 19.44 1.88
CA GLU A 88 -11.11 20.64 1.40
C GLU A 88 -11.07 21.72 2.48
N GLU A 89 -11.25 21.33 3.74
CA GLU A 89 -11.08 22.21 4.93
C GLU A 89 -9.68 22.82 4.93
N TYR A 90 -8.63 22.00 4.84
CA TYR A 90 -7.22 22.50 4.80
C TYR A 90 -7.04 23.43 3.58
N TYR A 91 -7.60 23.08 2.42
CA TYR A 91 -7.44 23.89 1.18
C TYR A 91 -7.92 25.33 1.42
N GLN A 92 -9.05 25.45 2.11
CA GLN A 92 -9.81 26.70 2.30
C GLN A 92 -9.17 27.51 3.43
N HIS A 93 -8.84 26.85 4.55
CA HIS A 93 -8.24 27.44 5.78
C HIS A 93 -6.75 27.78 5.56
N ASP A 94 -6.00 27.04 4.73
CA ASP A 94 -4.52 27.10 4.75
C ASP A 94 -3.91 27.16 3.34
N THR A 95 -4.06 26.10 2.57
CA THR A 95 -3.17 25.76 1.42
C THR A 95 -3.41 26.76 0.27
N LYS A 96 -4.65 27.22 0.09
CA LYS A 96 -4.96 28.12 -1.05
C LYS A 96 -4.27 29.47 -0.76
N HIS A 97 -4.16 29.85 0.52
CA HIS A 97 -3.42 31.09 0.93
C HIS A 97 -1.92 30.84 0.74
N ILE A 98 -1.40 29.68 1.16
CA ILE A 98 0.04 29.36 1.00
C ILE A 98 0.40 29.51 -0.47
N LEU A 99 -0.39 29.00 -1.41
CA LEU A 99 0.05 28.97 -2.82
C LEU A 99 -0.19 30.33 -3.51
N SER A 100 -1.21 31.09 -3.10
CA SER A 100 -1.46 32.49 -3.54
C SER A 100 -0.21 33.31 -3.22
N ASN A 101 0.20 33.26 -1.95
CA ASN A 101 1.36 34.02 -1.39
C ASN A 101 2.66 33.51 -2.01
N ALA A 102 2.83 32.20 -2.17
CA ALA A 102 3.98 31.68 -2.96
C ALA A 102 4.02 32.37 -4.33
N LEU A 103 2.87 32.54 -4.99
CA LEU A 103 2.85 33.05 -6.39
C LEU A 103 3.26 34.54 -6.38
N ARG A 104 2.59 35.34 -5.55
CA ARG A 104 2.88 36.79 -5.30
C ARG A 104 4.36 36.98 -4.91
N HIS A 105 4.78 36.37 -3.80
CA HIS A 105 6.08 36.64 -3.15
C HIS A 105 7.22 36.19 -4.05
N LEU A 106 7.14 35.00 -4.66
CA LEU A 106 8.23 34.52 -5.56
C LEU A 106 8.32 35.38 -6.85
N HIS A 107 7.19 35.82 -7.39
CA HIS A 107 7.12 36.68 -8.60
C HIS A 107 7.96 37.92 -8.29
N ASP A 108 7.64 38.63 -7.20
CA ASP A 108 8.28 39.89 -6.72
C ASP A 108 9.74 39.69 -6.26
N ASN A 109 10.17 38.47 -5.87
CA ASN A 109 11.46 38.29 -5.16
C ASN A 109 12.27 37.19 -5.86
N PRO A 110 12.98 37.53 -6.98
CA PRO A 110 13.62 36.56 -7.87
C PRO A 110 14.59 35.57 -7.23
N GLU A 111 15.23 35.95 -6.12
CA GLU A 111 16.25 35.10 -5.45
C GLU A 111 15.56 34.15 -4.46
N MET A 112 14.36 34.51 -4.00
CA MET A 112 13.50 33.65 -3.14
C MET A 112 13.11 32.36 -3.88
N LYS A 113 13.05 31.24 -3.15
CA LYS A 113 12.85 29.87 -3.68
C LYS A 113 11.86 29.15 -2.76
N PHE A 114 11.28 28.06 -3.25
CA PHE A 114 10.19 27.31 -2.58
C PHE A 114 10.08 25.96 -3.28
N ILE A 115 9.90 24.89 -2.49
CA ILE A 115 9.67 23.53 -3.04
C ILE A 115 8.23 23.10 -2.69
N TRP A 116 7.60 22.31 -3.56
CA TRP A 116 6.20 21.86 -3.36
C TRP A 116 6.09 20.39 -3.73
N ALA A 117 5.51 19.59 -2.82
CA ALA A 117 5.44 18.12 -2.97
C ALA A 117 4.04 17.66 -3.43
N GLU A 118 2.95 18.19 -2.86
CA GLU A 118 1.60 17.53 -2.91
C GLU A 118 0.78 18.06 -4.10
N ILE A 119 0.77 17.33 -5.20
CA ILE A 119 0.18 17.85 -6.47
C ILE A 119 -1.35 17.88 -6.36
N SER A 120 -1.95 17.06 -5.50
CA SER A 120 -3.41 17.10 -5.23
C SER A 120 -3.83 18.54 -4.88
N TYR A 121 -3.13 19.18 -3.95
CA TYR A 121 -3.40 20.56 -3.53
C TYR A 121 -3.06 21.53 -4.67
N PHE A 122 -2.00 21.25 -5.42
CA PHE A 122 -1.49 22.23 -6.41
C PHE A 122 -2.43 22.29 -7.63
N ALA A 123 -2.98 21.15 -8.06
CA ALA A 123 -4.00 21.06 -9.13
C ALA A 123 -5.28 21.74 -8.65
N ARG A 124 -5.75 21.42 -7.44
CA ARG A 124 -6.95 22.08 -6.87
C ARG A 124 -6.81 23.60 -7.09
N PHE A 125 -5.71 24.17 -6.60
CA PHE A 125 -5.37 25.61 -6.68
C PHE A 125 -5.30 26.12 -8.12
N TYR A 126 -4.43 25.49 -8.92
CA TYR A 126 -4.06 25.96 -10.28
C TYR A 126 -5.28 26.09 -11.18
N HIS A 127 -6.21 25.12 -11.12
CA HIS A 127 -7.42 25.05 -11.99
C HIS A 127 -8.39 26.18 -11.62
N ASP A 128 -8.27 26.77 -10.43
CA ASP A 128 -9.13 27.90 -9.96
C ASP A 128 -8.53 29.28 -10.33
N LEU A 129 -7.33 29.37 -10.91
CA LEU A 129 -6.66 30.66 -11.24
C LEU A 129 -7.22 31.27 -12.52
N GLY A 130 -7.19 32.61 -12.64
CA GLY A 130 -7.36 33.34 -13.91
C GLY A 130 -6.20 33.01 -14.83
N GLU A 131 -6.35 33.26 -16.13
CA GLU A 131 -5.33 32.93 -17.15
C GLU A 131 -4.02 33.66 -16.85
N ASN A 132 -4.13 34.89 -16.32
CA ASN A 132 -2.95 35.75 -16.03
C ASN A 132 -2.09 35.08 -14.95
N LYS A 133 -2.68 34.74 -13.81
CA LYS A 133 -2.01 34.03 -12.70
C LYS A 133 -1.39 32.69 -13.16
N LYS A 134 -2.06 31.95 -14.05
CA LYS A 134 -1.55 30.65 -14.54
C LYS A 134 -0.25 30.87 -15.30
N LEU A 135 -0.19 31.97 -16.08
CA LEU A 135 1.02 32.31 -16.86
C LEU A 135 2.15 32.75 -15.90
N GLN A 136 1.85 33.53 -14.85
CA GLN A 136 2.80 33.97 -13.79
C GLN A 136 3.36 32.73 -13.09
N MET A 137 2.47 31.78 -12.73
CA MET A 137 2.80 30.50 -12.06
C MET A 137 3.75 29.70 -12.97
N LYS A 138 3.43 29.60 -14.26
CA LYS A 138 4.31 28.89 -15.24
C LYS A 138 5.70 29.57 -15.26
N SER A 139 5.74 30.88 -15.07
CA SER A 139 7.00 31.68 -15.11
C SER A 139 7.88 31.35 -13.90
N ILE A 140 7.31 31.32 -12.70
CA ILE A 140 8.13 31.03 -11.47
C ILE A 140 8.48 29.55 -11.41
N VAL A 141 7.84 28.69 -12.20
CA VAL A 141 8.24 27.26 -12.32
C VAL A 141 9.32 27.15 -13.40
N LYS A 142 9.17 27.86 -14.52
CA LYS A 142 10.09 27.79 -15.69
C LYS A 142 11.50 28.27 -15.31
N ASN A 143 11.60 29.38 -14.59
CA ASN A 143 12.88 29.99 -14.16
C ASN A 143 13.40 29.32 -12.87
N GLY A 144 12.72 28.30 -12.32
CA GLY A 144 13.28 27.41 -11.28
C GLY A 144 13.10 27.92 -9.84
N GLN A 145 12.30 28.97 -9.64
CA GLN A 145 12.02 29.53 -8.30
C GLN A 145 11.13 28.59 -7.49
N LEU A 146 9.96 28.18 -8.03
CA LEU A 146 9.07 27.14 -7.44
C LEU A 146 9.41 25.81 -8.10
N GLU A 147 9.91 24.85 -7.32
CA GLU A 147 10.41 23.56 -7.81
C GLU A 147 9.53 22.49 -7.17
N PHE A 148 9.00 21.61 -7.99
CA PHE A 148 8.18 20.46 -7.55
C PHE A 148 9.14 19.37 -7.13
N VAL A 149 8.84 18.75 -5.98
CA VAL A 149 9.69 17.67 -5.45
C VAL A 149 8.80 16.43 -5.37
N THR A 150 9.31 15.28 -5.83
CA THR A 150 8.51 14.06 -6.09
C THR A 150 7.39 14.32 -7.13
N GLY A 151 6.41 15.15 -6.81
CA GLY A 151 5.32 15.48 -7.73
C GLY A 151 4.29 14.36 -7.79
N GLY A 152 4.18 13.60 -6.71
CA GLY A 152 3.10 12.63 -6.54
C GLY A 152 1.87 13.39 -6.12
N TRP A 153 0.72 12.76 -6.30
CA TRP A 153 -0.57 13.32 -5.87
C TRP A 153 -0.49 13.66 -4.38
N VAL A 154 0.15 12.76 -3.62
CA VAL A 154 0.38 12.88 -2.14
C VAL A 154 1.84 12.56 -1.82
N MET A 155 2.20 12.70 -0.54
CA MET A 155 3.42 12.10 0.06
C MET A 155 2.97 10.82 0.74
N PRO A 156 3.03 9.67 0.05
CA PRO A 156 2.37 8.47 0.54
C PRO A 156 3.02 7.85 1.79
N ASP A 157 2.18 7.13 2.53
CA ASP A 157 2.60 6.08 3.48
C ASP A 157 3.48 5.07 2.73
N GLU A 158 4.50 4.56 3.38
CA GLU A 158 5.43 3.59 2.73
C GLU A 158 5.32 2.23 3.43
N ALA A 159 4.52 2.09 4.52
CA ALA A 159 4.37 0.81 5.25
C ALA A 159 3.23 -0.04 4.67
N ASN A 160 2.05 0.54 4.59
CA ASN A 160 0.77 -0.17 4.31
C ASN A 160 0.45 -0.13 2.79
N SER A 161 1.06 0.82 2.08
CA SER A 161 0.71 1.12 0.68
C SER A 161 1.14 -0.04 -0.20
N HIS A 162 0.30 -0.41 -1.15
CA HIS A 162 0.72 -1.37 -2.21
C HIS A 162 1.52 -0.57 -3.25
N TRP A 163 2.59 -1.16 -3.79
CA TRP A 163 3.48 -0.51 -4.78
C TRP A 163 2.67 -0.02 -5.98
N ARG A 164 1.62 -0.74 -6.36
CA ARG A 164 0.76 -0.39 -7.51
C ARG A 164 0.13 0.98 -7.21
N ASN A 165 -0.38 1.17 -5.99
CA ASN A 165 -1.02 2.46 -5.58
C ASN A 165 0.05 3.55 -5.39
N VAL A 166 1.27 3.21 -4.97
CA VAL A 166 2.40 4.18 -4.95
C VAL A 166 2.63 4.68 -6.39
N LEU A 167 2.76 3.76 -7.35
CA LEU A 167 2.90 4.12 -8.78
C LEU A 167 1.67 4.91 -9.23
N LEU A 168 0.47 4.47 -8.87
CA LEU A 168 -0.76 5.18 -9.31
C LEU A 168 -0.65 6.66 -8.92
N GLN A 169 -0.37 6.94 -7.63
CA GLN A 169 -0.43 8.32 -7.09
C GLN A 169 0.73 9.16 -7.66
N LEU A 170 1.91 8.57 -7.84
CA LEU A 170 3.05 9.22 -8.53
C LEU A 170 2.68 9.56 -9.99
N THR A 171 2.14 8.59 -10.71
CA THR A 171 1.75 8.72 -12.13
C THR A 171 0.74 9.86 -12.25
N GLU A 172 -0.24 9.92 -11.36
CA GLU A 172 -1.30 10.93 -11.40
C GLU A 172 -0.74 12.35 -11.22
N GLY A 173 0.16 12.53 -10.24
CA GLY A 173 0.76 13.84 -9.94
C GLY A 173 1.70 14.25 -11.08
N GLN A 174 2.53 13.33 -11.54
CA GLN A 174 3.52 13.66 -12.58
C GLN A 174 2.80 13.92 -13.93
N THR A 175 1.72 13.20 -14.26
CA THR A 175 1.00 13.38 -15.53
C THR A 175 0.39 14.78 -15.48
N TRP A 176 -0.22 15.10 -14.34
CA TRP A 176 -0.69 16.48 -14.14
C TRP A 176 0.47 17.47 -14.34
N LEU A 177 1.65 17.27 -13.73
CA LEU A 177 2.73 18.29 -13.81
C LEU A 177 3.15 18.44 -15.27
N LYS A 178 3.34 17.33 -15.99
CA LYS A 178 3.80 17.31 -17.41
C LYS A 178 2.76 18.03 -18.28
N GLN A 179 1.47 17.78 -18.08
CA GLN A 179 0.39 18.36 -18.91
C GLN A 179 0.27 19.87 -18.67
N PHE A 180 0.33 20.32 -17.41
CA PHE A 180 -0.04 21.70 -17.03
C PHE A 180 1.19 22.59 -16.73
N MET A 181 2.38 22.03 -16.50
CA MET A 181 3.59 22.81 -16.11
C MET A 181 4.79 22.38 -16.96
N ASN A 182 4.64 21.39 -17.84
CA ASN A 182 5.74 20.85 -18.68
C ASN A 182 7.00 20.64 -17.80
N VAL A 183 6.86 19.93 -16.66
CA VAL A 183 8.01 19.54 -15.76
C VAL A 183 7.76 18.17 -15.14
N THR A 184 8.81 17.36 -15.08
CA THR A 184 8.88 16.06 -14.38
C THR A 184 9.99 16.09 -13.33
N PRO A 185 9.67 16.20 -12.02
CA PRO A 185 10.71 16.12 -10.97
C PRO A 185 11.59 14.86 -11.06
N THR A 186 12.89 14.98 -10.76
CA THR A 186 13.85 13.85 -10.65
C THR A 186 14.44 13.74 -9.24
N ALA A 187 13.98 14.59 -8.32
CA ALA A 187 14.35 14.56 -6.89
C ALA A 187 13.09 14.36 -6.05
N SER A 188 13.10 13.38 -5.14
CA SER A 188 11.95 13.07 -4.26
C SER A 188 12.18 13.64 -2.86
N TRP A 189 11.11 14.05 -2.21
CA TRP A 189 11.08 14.67 -0.85
C TRP A 189 10.03 13.91 -0.05
N ALA A 190 10.44 13.17 0.98
CA ALA A 190 9.51 12.40 1.81
C ALA A 190 9.87 12.61 3.28
N ILE A 191 9.37 13.70 3.84
CA ILE A 191 9.83 14.21 5.18
C ILE A 191 8.95 13.62 6.29
N ASP A 192 7.81 12.99 5.98
CA ASP A 192 6.80 12.69 7.04
C ASP A 192 6.35 11.24 7.13
N PRO A 193 6.56 10.30 6.17
CA PRO A 193 6.10 8.94 6.34
C PRO A 193 6.80 8.29 7.54
N PHE A 194 6.12 7.36 8.22
CA PHE A 194 6.58 6.87 9.54
C PHE A 194 7.47 5.64 9.31
N GLY A 195 8.70 5.89 8.89
CA GLY A 195 9.57 4.83 8.36
C GLY A 195 9.52 4.80 6.85
N HIS A 196 10.52 4.19 6.24
CA HIS A 196 10.79 4.32 4.79
C HIS A 196 11.03 2.94 4.21
N SER A 197 10.42 2.70 3.06
CA SER A 197 10.48 1.46 2.27
C SER A 197 11.43 1.63 1.08
N PRO A 198 12.20 0.58 0.75
CA PRO A 198 13.02 0.56 -0.48
C PRO A 198 12.16 0.42 -1.75
N THR A 199 10.88 0.11 -1.61
CA THR A 199 9.91 0.18 -2.73
C THR A 199 9.99 1.56 -3.41
N MET A 200 10.22 2.63 -2.66
CA MET A 200 10.24 4.01 -3.20
C MET A 200 11.39 4.18 -4.20
N PRO A 201 12.68 3.96 -3.84
CA PRO A 201 13.75 4.08 -4.82
C PRO A 201 13.51 3.15 -6.03
N TYR A 202 13.00 1.95 -5.80
CA TYR A 202 12.71 0.96 -6.86
C TYR A 202 11.81 1.60 -7.92
N ILE A 203 10.71 2.24 -7.49
CA ILE A 203 9.73 2.87 -8.42
C ILE A 203 10.28 4.19 -8.96
N LEU A 204 10.95 4.97 -8.12
CA LEU A 204 11.48 6.30 -8.53
C LEU A 204 12.58 6.10 -9.57
N GLN A 205 13.51 5.19 -9.35
CA GLN A 205 14.68 4.98 -10.23
C GLN A 205 14.20 4.45 -11.60
N LYS A 206 13.07 3.74 -11.63
CA LYS A 206 12.42 3.29 -12.89
C LYS A 206 11.44 4.37 -13.40
N SER A 207 11.38 5.56 -12.79
CA SER A 207 10.50 6.68 -13.20
C SER A 207 11.32 7.95 -13.47
N GLY A 208 12.62 7.77 -13.76
CA GLY A 208 13.53 8.84 -14.21
C GLY A 208 14.22 9.58 -13.06
N PHE A 209 14.01 9.16 -11.80
CA PHE A 209 14.48 9.91 -10.60
C PHE A 209 15.99 9.72 -10.48
N LYS A 210 16.70 10.73 -9.97
CA LYS A 210 18.18 10.66 -9.75
C LYS A 210 18.50 10.80 -8.25
N ASN A 211 17.63 11.43 -7.46
CA ASN A 211 17.87 11.59 -6.00
C ASN A 211 16.57 11.47 -5.20
N MET A 212 16.68 11.12 -3.91
CA MET A 212 15.53 11.12 -2.97
C MET A 212 15.99 11.48 -1.54
N LEU A 213 15.08 12.09 -0.77
CA LEU A 213 15.32 12.51 0.63
C LEU A 213 14.27 11.85 1.56
N ILE A 214 14.71 11.45 2.75
CA ILE A 214 13.89 10.75 3.78
C ILE A 214 14.25 11.35 5.14
N GLN A 215 13.37 11.16 6.15
CA GLN A 215 13.49 11.84 7.47
C GLN A 215 13.21 10.86 8.61
N ARG A 216 12.03 10.24 8.63
CA ARG A 216 11.58 9.49 9.82
C ARG A 216 12.20 8.10 9.79
N THR A 217 13.44 8.02 10.25
CA THR A 217 14.12 6.75 10.57
C THR A 217 14.43 6.73 12.08
N HIS A 218 14.62 5.53 12.62
CA HIS A 218 14.95 5.27 14.05
C HIS A 218 16.08 6.23 14.51
N TYR A 219 15.89 6.95 15.61
CA TYR A 219 16.93 7.82 16.23
C TYR A 219 18.28 7.04 16.34
N SER A 220 18.29 5.75 16.69
CA SER A 220 19.54 4.96 16.81
C SER A 220 20.15 4.72 15.43
N VAL A 221 19.32 4.60 14.37
CA VAL A 221 19.87 4.48 12.99
C VAL A 221 20.54 5.80 12.58
N LYS A 222 19.89 6.94 12.82
CA LYS A 222 20.44 8.30 12.53
C LYS A 222 21.80 8.43 13.21
N LYS A 223 21.91 8.04 14.49
CA LYS A 223 23.18 8.19 15.26
C LYS A 223 24.25 7.38 14.58
N GLU A 224 23.92 6.11 14.36
CA GLU A 224 24.88 5.10 13.84
C GLU A 224 25.40 5.58 12.49
N LEU A 225 24.52 5.96 11.56
CA LEU A 225 24.94 6.39 10.19
C LEU A 225 25.65 7.74 10.26
N ALA A 226 25.16 8.66 11.10
CA ALA A 226 25.78 9.99 11.28
C ALA A 226 27.23 9.78 11.71
N GLN A 227 27.47 8.85 12.62
CA GLN A 227 28.85 8.60 13.14
C GLN A 227 29.80 8.21 12.00
N GLN A 228 29.34 7.51 10.96
CA GLN A 228 30.20 7.00 9.86
C GLN A 228 30.08 7.87 8.60
N ARG A 229 29.37 9.00 8.69
CA ARG A 229 28.91 9.81 7.53
C ARG A 229 28.34 8.88 6.45
N GLN A 230 27.32 8.10 6.84
CA GLN A 230 26.54 7.25 5.89
C GLN A 230 25.06 7.66 5.87
N LEU A 231 24.78 8.95 6.04
CA LEU A 231 23.43 9.54 5.91
C LEU A 231 23.09 9.80 4.43
N GLU A 232 24.11 9.93 3.56
CA GLU A 232 23.92 9.92 2.09
C GLU A 232 24.53 8.63 1.52
N PHE A 233 23.77 7.92 0.69
CA PHE A 233 24.09 6.53 0.30
C PHE A 233 23.33 6.16 -0.98
N LEU A 234 23.91 5.23 -1.73
CA LEU A 234 23.31 4.70 -2.97
C LEU A 234 22.41 3.55 -2.55
N TRP A 235 21.10 3.80 -2.48
CA TRP A 235 20.10 2.84 -1.95
C TRP A 235 19.72 1.86 -3.07
N ARG A 236 20.14 0.60 -2.93
CA ARG A 236 19.80 -0.46 -3.91
C ARG A 236 18.89 -1.50 -3.28
N GLN A 237 18.20 -2.26 -4.13
CA GLN A 237 17.28 -3.33 -3.68
C GLN A 237 18.13 -4.45 -3.06
N ILE A 238 17.56 -5.14 -2.07
CA ILE A 238 18.25 -6.17 -1.24
C ILE A 238 18.74 -7.36 -2.06
N TRP A 239 18.30 -7.56 -3.32
CA TRP A 239 18.66 -8.70 -4.23
C TRP A 239 19.61 -8.27 -5.35
N ASP A 240 19.89 -6.96 -5.47
CA ASP A 240 20.51 -6.35 -6.68
C ASP A 240 22.05 -6.39 -6.56
N ASN A 241 22.68 -7.38 -7.21
CA ASN A 241 24.15 -7.64 -7.22
C ASN A 241 24.90 -6.53 -7.98
N LYS A 242 24.28 -6.06 -9.07
CA LYS A 242 24.84 -5.19 -10.13
C LYS A 242 24.77 -3.71 -9.73
N GLY A 243 23.80 -3.31 -8.91
CA GLY A 243 23.59 -1.90 -8.52
C GLY A 243 22.78 -1.08 -9.51
N ASP A 244 22.13 -1.71 -10.49
CA ASP A 244 21.28 -1.03 -11.50
C ASP A 244 20.09 -0.29 -10.83
N THR A 245 19.60 -0.76 -9.69
CA THR A 245 18.40 -0.20 -9.00
C THR A 245 18.79 1.01 -8.11
N ALA A 246 20.09 1.22 -7.88
CA ALA A 246 20.67 2.23 -6.95
C ALA A 246 20.08 3.62 -7.17
N LEU A 247 19.61 4.26 -6.10
CA LEU A 247 19.19 5.70 -6.15
C LEU A 247 19.90 6.45 -5.01
N PHE A 248 20.52 7.58 -5.34
CA PHE A 248 21.16 8.46 -4.34
C PHE A 248 20.10 8.91 -3.34
N THR A 249 20.32 8.64 -2.06
CA THR A 249 19.39 8.94 -0.94
C THR A 249 20.13 9.84 0.06
N HIS A 250 19.47 10.93 0.48
CA HIS A 250 19.85 11.78 1.63
C HIS A 250 18.85 11.51 2.75
N MET A 251 19.36 10.98 3.87
CA MET A 251 18.66 10.87 5.17
C MET A 251 19.01 12.13 5.98
N MET A 252 18.00 12.89 6.39
CA MET A 252 18.18 14.02 7.33
C MET A 252 18.51 13.47 8.71
N PRO A 253 19.37 14.17 9.47
CA PRO A 253 20.03 13.59 10.64
C PRO A 253 19.28 13.67 11.98
N PHE A 254 18.28 14.55 12.07
CA PHE A 254 17.72 15.03 13.36
C PHE A 254 16.27 14.54 13.56
N TYR A 255 15.64 15.01 14.66
CA TYR A 255 14.41 14.42 15.25
C TYR A 255 13.20 14.81 14.38
N SER A 256 13.31 15.95 13.68
CA SER A 256 12.17 16.59 12.97
C SER A 256 12.66 17.27 11.69
N TYR A 257 11.72 17.59 10.80
CA TYR A 257 11.92 18.42 9.57
C TYR A 257 11.65 19.91 9.86
N ASP A 258 11.21 20.24 11.08
CA ASP A 258 10.90 21.63 11.51
C ASP A 258 12.18 22.47 11.67
N ILE A 259 12.05 23.78 11.80
CA ILE A 259 13.24 24.69 11.72
C ILE A 259 14.17 24.45 12.92
N PRO A 260 13.66 24.22 14.15
CA PRO A 260 14.54 23.90 15.28
C PRO A 260 15.42 22.68 15.02
N HIS A 261 14.99 21.74 14.18
CA HIS A 261 15.70 20.45 13.98
C HIS A 261 16.31 20.40 12.58
N THR A 262 16.38 21.50 11.86
CA THR A 262 16.96 21.49 10.48
C THR A 262 18.16 22.41 10.32
N CYS A 263 18.47 23.35 11.22
CA CYS A 263 19.62 24.29 11.06
C CYS A 263 20.93 23.62 11.54
N GLY A 264 20.81 22.75 12.53
CA GLY A 264 21.96 22.13 13.18
C GLY A 264 21.53 21.38 14.44
N PRO A 265 22.52 20.90 15.23
CA PRO A 265 22.26 19.90 16.29
C PRO A 265 21.54 20.45 17.53
N ASP A 266 21.55 21.77 17.70
CA ASP A 266 21.05 22.42 18.93
C ASP A 266 19.74 23.13 18.61
N PRO A 267 18.60 22.50 18.92
CA PRO A 267 17.31 23.09 18.58
C PRO A 267 17.12 24.46 19.24
N LYS A 268 17.71 24.65 20.42
CA LYS A 268 17.62 25.92 21.19
C LYS A 268 18.17 27.08 20.35
N VAL A 269 19.26 26.86 19.64
CA VAL A 269 19.81 27.88 18.69
C VAL A 269 18.91 27.96 17.44
N CYS A 270 18.62 26.83 16.78
CA CYS A 270 17.92 26.78 15.47
C CYS A 270 16.54 27.43 15.56
N CYS A 271 15.86 27.23 16.68
CA CYS A 271 14.51 27.81 16.91
C CYS A 271 14.57 29.35 16.82
N GLN A 272 15.71 29.94 17.17
CA GLN A 272 15.90 31.41 17.13
C GLN A 272 15.98 31.91 15.67
N PHE A 273 16.09 31.00 14.70
CA PHE A 273 16.19 31.33 13.26
C PHE A 273 14.93 30.86 12.53
N ASP A 274 13.85 30.65 13.28
CA ASP A 274 12.47 30.51 12.77
C ASP A 274 11.72 31.83 13.04
N PHE A 275 11.68 32.72 12.05
CA PHE A 275 11.34 34.14 12.25
C PHE A 275 9.82 34.30 12.36
N LYS A 276 9.07 33.24 12.11
CA LYS A 276 7.60 33.23 12.38
C LYS A 276 7.36 33.08 13.89
N ARG A 277 8.33 32.66 14.69
CA ARG A 277 8.10 32.36 16.13
C ARG A 277 8.21 33.64 16.99
N MET A 278 7.88 34.84 16.50
CA MET A 278 8.01 36.11 17.27
C MET A 278 6.62 36.61 17.72
N GLY A 279 5.88 35.78 18.45
CA GLY A 279 4.56 36.08 19.08
C GLY A 279 4.05 37.47 18.75
N GLY A 282 1.41 33.83 17.30
CA GLY A 282 1.29 33.33 18.69
C GLY A 282 2.04 32.02 18.89
N LEU A 283 3.05 31.76 18.08
CA LEU A 283 3.99 30.62 18.23
C LEU A 283 5.22 31.14 18.97
N SER A 284 5.87 30.29 19.77
CA SER A 284 7.07 30.63 20.56
C SER A 284 8.10 29.50 20.39
N CYS A 285 9.19 29.54 21.18
CA CYS A 285 10.27 28.52 21.19
C CYS A 285 10.22 27.78 22.52
N PRO A 286 9.90 26.46 22.52
CA PRO A 286 9.97 25.66 23.75
C PRO A 286 11.22 25.81 24.62
N TRP A 287 12.37 26.16 24.04
CA TRP A 287 13.68 26.25 24.75
C TRP A 287 13.82 27.64 25.39
N LYS A 288 12.86 28.53 25.14
CA LYS A 288 12.58 29.77 25.92
C LYS A 288 13.49 30.93 25.52
N VAL A 289 14.31 30.81 24.47
CA VAL A 289 15.01 31.94 23.80
C VAL A 289 14.33 32.21 22.45
N PRO A 290 13.67 33.38 22.32
CA PRO A 290 12.87 33.66 21.12
C PRO A 290 13.78 34.06 19.95
N PRO A 291 13.27 34.03 18.71
CA PRO A 291 13.98 34.60 17.57
C PRO A 291 14.11 36.12 17.74
N ARG A 292 15.12 36.74 17.16
CA ARG A 292 15.28 38.22 17.15
C ARG A 292 15.45 38.69 15.71
N THR A 293 14.79 39.79 15.37
CA THR A 293 14.99 40.54 14.10
C THR A 293 16.50 40.69 13.91
N ILE A 294 17.02 40.39 12.73
CA ILE A 294 18.45 40.61 12.38
C ILE A 294 18.64 42.10 12.09
N SER A 295 19.66 42.72 12.70
CA SER A 295 20.00 44.15 12.59
C SER A 295 21.52 44.27 12.39
N ASP A 296 21.99 45.44 11.93
CA ASP A 296 23.45 45.72 11.81
C ASP A 296 24.11 45.53 13.17
N GLN A 297 23.35 45.81 14.25
CA GLN A 297 23.75 45.74 15.68
C GLN A 297 24.02 44.28 16.12
N ASN A 298 23.41 43.26 15.51
CA ASN A 298 23.49 41.88 16.07
C ASN A 298 23.88 40.87 14.99
N VAL A 299 24.02 41.28 13.73
CA VAL A 299 24.10 40.30 12.62
C VAL A 299 25.37 39.46 12.81
N ALA A 300 26.44 40.06 13.35
CA ALA A 300 27.75 39.41 13.57
C ALA A 300 27.58 38.23 14.53
N ALA A 301 26.86 38.46 15.62
CA ALA A 301 26.71 37.48 16.72
C ALA A 301 25.70 36.39 16.30
N ARG A 302 24.58 36.82 15.71
CA ARG A 302 23.52 35.93 15.17
C ARG A 302 24.18 35.02 14.13
N SER A 303 25.03 35.57 13.27
CA SER A 303 25.63 34.84 12.13
C SER A 303 26.64 33.82 12.66
N ASP A 304 27.44 34.25 13.64
CA ASP A 304 28.43 33.38 14.32
C ASP A 304 27.69 32.15 14.87
N LEU A 305 26.57 32.35 15.57
CA LEU A 305 25.78 31.25 16.19
C LEU A 305 25.26 30.29 15.11
N LEU A 306 24.71 30.83 14.02
CA LEU A 306 24.01 30.05 12.96
C LEU A 306 25.04 29.27 12.14
N VAL A 307 26.10 29.94 11.68
CA VAL A 307 27.16 29.27 10.86
C VAL A 307 27.79 28.16 11.71
N ASP A 308 27.90 28.36 13.02
CA ASP A 308 28.44 27.32 13.93
C ASP A 308 27.51 26.10 13.87
N GLN A 309 26.20 26.32 13.91
CA GLN A 309 25.21 25.22 13.67
C GLN A 309 25.41 24.57 12.28
N TRP A 310 25.46 25.36 11.22
CA TRP A 310 25.67 24.85 9.84
C TRP A 310 26.90 23.96 9.80
N LYS A 311 28.00 24.44 10.37
CA LYS A 311 29.31 23.72 10.26
C LYS A 311 29.27 22.43 11.08
N LYS A 312 28.53 22.41 12.19
CA LYS A 312 28.34 21.14 12.95
C LYS A 312 27.51 20.18 12.08
N LYS A 313 26.46 20.67 11.42
CA LYS A 313 25.61 19.75 10.60
C LYS A 313 26.48 19.18 9.47
N ALA A 314 27.38 19.98 8.91
CA ALA A 314 28.22 19.58 7.75
C ALA A 314 29.17 18.46 8.14
N GLU A 315 29.55 18.33 9.42
CA GLU A 315 30.45 17.23 9.88
C GLU A 315 29.79 15.89 9.60
N LEU A 316 28.46 15.84 9.58
CA LEU A 316 27.68 14.58 9.44
C LEU A 316 27.64 14.08 7.98
N TYR A 317 28.14 14.86 7.02
CA TYR A 317 28.01 14.60 5.56
C TYR A 317 29.38 14.75 4.90
N ARG A 318 29.57 14.21 3.70
CA ARG A 318 30.92 14.02 3.10
C ARG A 318 31.30 15.18 2.17
N THR A 319 30.38 16.05 1.76
CA THR A 319 30.71 17.13 0.78
C THR A 319 30.75 18.45 1.52
N ASN A 320 31.13 19.51 0.83
CA ASN A 320 31.15 20.89 1.38
C ASN A 320 29.86 21.60 0.94
N VAL A 321 28.82 20.81 0.58
CA VAL A 321 27.47 21.31 0.20
C VAL A 321 26.46 20.86 1.27
N LEU A 322 25.73 21.81 1.85
CA LEU A 322 24.86 21.58 3.01
C LEU A 322 23.43 21.96 2.65
N LEU A 323 22.50 21.03 2.92
CA LEU A 323 21.04 21.21 2.82
C LEU A 323 20.53 21.69 4.17
N ILE A 324 19.89 22.86 4.15
CA ILE A 324 19.15 23.47 5.29
C ILE A 324 17.69 23.69 4.88
N PRO A 325 16.77 22.72 5.12
CA PRO A 325 15.35 22.96 4.93
C PRO A 325 14.90 24.10 5.85
N LEU A 326 13.92 24.88 5.40
CA LEU A 326 13.34 26.01 6.16
C LEU A 326 11.82 25.92 6.03
N GLY A 327 11.18 25.19 6.93
CA GLY A 327 9.73 25.05 6.87
C GLY A 327 9.15 24.20 7.97
N ASP A 328 7.83 24.04 7.91
CA ASP A 328 7.05 23.29 8.91
C ASP A 328 5.64 23.07 8.34
N ASP A 329 4.78 22.45 9.13
CA ASP A 329 3.37 22.20 8.73
C ASP A 329 2.73 23.52 8.32
N PHE A 330 2.17 23.52 7.11
CA PHE A 330 1.33 24.58 6.53
C PHE A 330 1.99 25.95 6.73
N ARG A 331 3.31 26.01 6.57
CA ARG A 331 4.04 27.29 6.67
C ARG A 331 3.90 28.09 5.37
N PHE A 332 4.27 29.37 5.45
CA PHE A 332 4.27 30.33 4.34
C PHE A 332 2.82 30.64 3.95
N LYS A 333 1.96 30.74 4.97
CA LYS A 333 0.52 31.05 4.80
C LYS A 333 0.34 32.58 4.71
N GLN A 334 0.81 33.32 5.73
CA GLN A 334 0.74 34.79 5.84
C GLN A 334 1.77 35.43 4.89
N ASN A 335 1.43 36.55 4.24
CA ASN A 335 2.41 37.25 3.37
C ASN A 335 3.48 37.88 4.28
N THR A 336 3.15 38.18 5.54
CA THR A 336 4.11 38.74 6.51
C THR A 336 5.12 37.64 6.88
N GLU A 337 4.72 36.38 6.90
CA GLU A 337 5.66 35.27 7.21
C GLU A 337 6.70 35.15 6.08
N TRP A 338 6.25 35.26 4.83
CA TRP A 338 7.18 35.36 3.67
C TRP A 338 8.19 36.49 3.90
N ASP A 339 7.74 37.65 4.38
CA ASP A 339 8.59 38.85 4.59
C ASP A 339 9.62 38.55 5.69
N VAL A 340 9.12 38.18 6.86
CA VAL A 340 9.94 38.05 8.09
C VAL A 340 10.98 36.94 7.87
N GLN A 341 10.64 35.86 7.17
CA GLN A 341 11.60 34.79 6.89
C GLN A 341 12.59 35.31 5.84
N ARG A 342 12.08 35.85 4.72
CA ARG A 342 12.95 36.23 3.57
C ARG A 342 13.94 37.32 3.99
N VAL A 343 13.45 38.39 4.65
CA VAL A 343 14.23 39.63 4.94
C VAL A 343 15.34 39.30 5.97
N ASN A 344 15.00 38.67 7.10
CA ASN A 344 16.01 38.25 8.11
C ASN A 344 17.04 37.30 7.47
N TYR A 345 16.65 36.31 6.67
CA TYR A 345 17.65 35.39 6.08
C TYR A 345 18.55 36.14 5.08
N GLU A 346 17.99 37.12 4.36
CA GLU A 346 18.77 37.94 3.40
C GLU A 346 19.87 38.68 4.19
N ARG A 347 19.52 39.36 5.27
CA ARG A 347 20.52 40.10 6.10
C ARG A 347 21.61 39.13 6.57
N LEU A 348 21.25 37.92 7.00
CA LEU A 348 22.25 36.93 7.43
C LEU A 348 23.16 36.60 6.26
N PHE A 349 22.59 36.30 5.10
CA PHE A 349 23.33 35.89 3.88
C PHE A 349 24.26 37.05 3.45
N GLU A 350 23.75 38.27 3.52
CA GLU A 350 24.51 39.49 3.12
C GLU A 350 25.77 39.59 4.00
N HIS A 351 25.63 39.44 5.31
CA HIS A 351 26.76 39.50 6.27
C HIS A 351 27.74 38.35 6.04
N ILE A 352 27.22 37.12 6.01
CA ILE A 352 28.03 35.89 6.06
C ILE A 352 28.87 35.81 4.78
N ASN A 353 28.27 36.10 3.62
CA ASN A 353 28.94 35.97 2.30
C ASN A 353 30.00 37.08 2.16
N SER A 354 29.77 38.27 2.73
CA SER A 354 30.73 39.42 2.70
C SER A 354 31.86 39.27 3.75
N GLN A 355 31.79 38.29 4.65
CA GLN A 355 32.79 38.12 5.74
C GLN A 355 33.66 36.88 5.49
N ALA A 356 34.85 37.07 4.94
CA ALA A 356 35.78 35.99 4.55
C ALA A 356 36.02 34.98 5.70
N HIS A 357 36.09 35.44 6.96
CA HIS A 357 36.41 34.58 8.14
C HIS A 357 35.44 33.39 8.25
N PHE A 358 34.19 33.52 7.80
CA PHE A 358 33.19 32.41 7.76
C PHE A 358 33.60 31.36 6.70
N ASN A 359 34.09 31.78 5.53
CA ASN A 359 34.31 30.89 4.36
C ASN A 359 33.04 30.06 4.11
N VAL A 360 31.91 30.75 4.08
CA VAL A 360 30.59 30.22 3.69
C VAL A 360 30.08 31.06 2.51
N GLN A 361 29.48 30.39 1.51
CA GLN A 361 28.53 30.97 0.53
C GLN A 361 27.14 30.40 0.84
N ALA A 362 26.21 31.24 1.29
CA ALA A 362 24.85 30.88 1.73
C ALA A 362 23.82 31.58 0.85
N GLN A 363 22.78 30.85 0.42
CA GLN A 363 21.70 31.40 -0.42
C GLN A 363 20.48 30.48 -0.37
N PHE A 364 19.31 31.06 -0.58
CA PHE A 364 18.05 30.33 -0.87
C PHE A 364 18.29 29.42 -2.08
N GLY A 365 17.83 28.17 -2.00
CA GLY A 365 18.01 27.17 -3.06
C GLY A 365 16.86 26.19 -3.13
N THR A 366 16.91 25.29 -4.10
CA THR A 366 15.94 24.19 -4.23
C THR A 366 16.64 22.86 -3.94
N LEU A 367 15.85 21.80 -3.82
CA LEU A 367 16.34 20.43 -3.58
C LEU A 367 17.24 19.99 -4.74
N GLN A 368 16.79 20.10 -5.98
CA GLN A 368 17.57 19.74 -7.20
C GLN A 368 18.93 20.46 -7.18
N GLU A 369 18.92 21.77 -6.93
CA GLU A 369 20.13 22.60 -6.73
C GLU A 369 21.09 21.96 -5.73
N TYR A 370 20.57 21.50 -4.59
CA TYR A 370 21.38 20.83 -3.55
C TYR A 370 22.04 19.60 -4.17
N PHE A 371 21.24 18.70 -4.76
CA PHE A 371 21.70 17.39 -5.30
C PHE A 371 22.69 17.63 -6.45
N ASP A 372 22.43 18.57 -7.37
CA ASP A 372 23.34 18.88 -8.51
C ASP A 372 24.72 19.21 -7.93
N ALA A 373 24.77 20.13 -6.96
CA ALA A 373 26.01 20.56 -6.27
C ALA A 373 26.71 19.35 -5.61
N VAL A 374 25.94 18.50 -4.91
CA VAL A 374 26.54 17.31 -4.23
C VAL A 374 27.20 16.42 -5.31
N HIS A 375 26.58 16.22 -6.48
CA HIS A 375 27.16 15.35 -7.53
C HIS A 375 28.34 16.06 -8.20
N GLN A 376 28.33 17.39 -8.34
CA GLN A 376 29.52 18.16 -8.83
C GLN A 376 30.70 17.86 -7.90
N ALA A 377 30.49 17.90 -6.57
CA ALA A 377 31.52 17.56 -5.56
C ALA A 377 32.02 16.13 -5.76
N GLU A 378 31.14 15.20 -6.13
CA GLU A 378 31.46 13.75 -6.32
C GLU A 378 32.25 13.57 -7.64
N ARG A 379 31.72 14.13 -8.73
CA ARG A 379 32.35 14.19 -10.07
C ARG A 379 33.77 14.76 -9.95
N ALA A 380 33.97 15.76 -9.08
CA ALA A 380 35.26 16.44 -8.84
C ALA A 380 36.08 15.66 -7.82
N GLY A 381 35.61 14.47 -7.42
CA GLY A 381 36.38 13.49 -6.62
C GLY A 381 36.56 13.90 -5.17
N GLN A 382 35.73 14.80 -4.66
CA GLN A 382 35.77 15.30 -3.24
C GLN A 382 35.05 14.34 -2.27
N ALA A 383 34.31 13.33 -2.76
CA ALA A 383 33.61 12.31 -1.93
C ALA A 383 33.26 11.10 -2.78
N GLU A 384 33.24 9.92 -2.17
CA GLU A 384 32.60 8.71 -2.74
C GLU A 384 31.67 8.13 -1.65
N PHE A 385 30.45 7.79 -2.06
CA PHE A 385 29.28 7.50 -1.18
C PHE A 385 29.17 6.01 -0.98
N PRO A 386 28.72 5.57 0.22
CA PRO A 386 28.55 4.16 0.52
C PRO A 386 27.24 3.65 -0.09
N THR A 387 27.18 2.36 -0.33
CA THR A 387 26.00 1.60 -0.83
C THR A 387 25.20 1.14 0.38
N LEU A 388 23.87 1.15 0.23
CA LEU A 388 22.96 0.59 1.27
C LEU A 388 21.87 -0.27 0.62
N SER A 389 21.49 -1.32 1.33
CA SER A 389 20.27 -2.15 1.09
C SER A 389 19.52 -2.35 2.41
N GLY A 390 18.20 -2.46 2.35
CA GLY A 390 17.32 -2.72 3.50
C GLY A 390 16.19 -1.69 3.57
N ASP A 391 15.44 -1.72 4.65
CA ASP A 391 14.30 -0.81 4.86
C ASP A 391 14.59 -0.01 6.14
N PHE A 392 13.67 0.87 6.52
CA PHE A 392 13.81 1.71 7.73
C PHE A 392 12.51 1.56 8.55
N PHE A 393 12.15 0.30 8.82
CA PHE A 393 11.05 -0.08 9.74
C PHE A 393 11.66 -0.98 10.83
N THR A 394 11.14 -0.93 12.05
CA THR A 394 10.05 -0.06 12.45
C THR A 394 10.64 1.23 13.03
N TYR A 395 10.04 2.37 12.71
CA TYR A 395 10.47 3.72 13.15
C TYR A 395 10.20 3.94 14.65
N ALA A 396 11.19 4.47 15.37
CA ALA A 396 10.98 5.00 16.75
C ALA A 396 11.49 6.45 16.81
N ASP A 397 10.68 7.40 17.28
CA ASP A 397 11.12 8.82 17.33
C ASP A 397 11.84 9.10 18.64
N ARG A 398 11.63 8.27 19.67
CA ARG A 398 12.30 8.43 21.00
C ARG A 398 12.03 7.21 21.87
N SER A 399 12.88 7.00 22.89
CA SER A 399 12.89 5.83 23.81
C SER A 399 12.35 4.55 23.14
N ASP A 400 11.14 4.12 23.56
CA ASP A 400 10.52 2.82 23.20
C ASP A 400 9.23 3.10 22.42
N ASN A 401 9.12 4.30 21.85
CA ASN A 401 7.90 4.79 21.18
C ASN A 401 8.03 4.35 19.72
N TYR A 402 7.82 3.05 19.47
CA TYR A 402 7.82 2.42 18.12
C TYR A 402 6.44 2.59 17.46
N TRP A 403 6.44 2.95 16.18
CA TRP A 403 5.22 3.32 15.41
C TRP A 403 4.72 2.08 14.67
N SER A 404 4.49 0.97 15.37
CA SER A 404 3.94 -0.29 14.79
C SER A 404 2.40 -0.28 14.84
N GLY A 405 1.79 0.65 15.55
CA GLY A 405 0.32 0.72 15.74
C GLY A 405 -0.43 1.02 14.44
N TYR A 406 0.14 1.91 13.62
CA TYR A 406 -0.54 2.39 12.41
C TYR A 406 -0.48 1.32 11.32
N TYR A 407 0.33 0.28 11.51
CA TYR A 407 0.30 -0.91 10.63
C TYR A 407 -1.10 -1.57 10.66
N THR A 408 -1.92 -1.21 11.63
CA THR A 408 -3.24 -1.84 11.90
C THR A 408 -4.34 -0.78 12.04
N SER A 409 -4.06 0.44 12.49
CA SER A 409 -5.12 1.43 12.79
C SER A 409 -6.11 1.58 11.63
N ARG A 410 -7.41 1.65 11.96
CA ARG A 410 -8.57 1.79 11.02
C ARG A 410 -8.49 0.71 9.94
N PRO A 411 -8.58 -0.58 10.35
CA PRO A 411 -8.35 -1.70 9.42
C PRO A 411 -9.49 -1.81 8.39
N TYR A 412 -10.67 -1.25 8.67
CA TYR A 412 -11.78 -1.21 7.70
C TYR A 412 -11.29 -0.58 6.38
N HIS A 413 -10.66 0.59 6.48
CA HIS A 413 -10.24 1.42 5.30
C HIS A 413 -8.98 0.83 4.69
N LYS A 414 -8.17 0.13 5.51
CA LYS A 414 -6.95 -0.58 5.03
C LYS A 414 -7.39 -1.67 4.08
N ARG A 415 -8.46 -2.37 4.44
CA ARG A 415 -9.12 -3.39 3.59
C ARG A 415 -9.70 -2.72 2.33
N MET A 416 -10.36 -1.59 2.52
CA MET A 416 -11.08 -0.90 1.42
C MET A 416 -10.06 -0.46 0.36
N ASP A 417 -8.87 -0.04 0.79
CA ASP A 417 -7.73 0.32 -0.10
C ASP A 417 -7.49 -0.82 -1.10
N ARG A 418 -7.34 -2.05 -0.61
CA ARG A 418 -7.00 -3.20 -1.51
C ARG A 418 -8.15 -3.51 -2.46
N VAL A 419 -9.39 -3.30 -2.03
CA VAL A 419 -10.59 -3.59 -2.86
C VAL A 419 -10.65 -2.55 -3.98
N LEU A 420 -10.50 -1.26 -3.62
CA LEU A 420 -10.51 -0.17 -4.62
C LEU A 420 -9.31 -0.33 -5.54
N MET A 421 -8.17 -0.76 -5.02
CA MET A 421 -6.95 -1.00 -5.84
C MET A 421 -7.28 -1.89 -7.04
N HIS A 422 -7.91 -3.02 -6.76
CA HIS A 422 -8.37 -4.01 -7.76
C HIS A 422 -9.40 -3.43 -8.74
N TYR A 423 -10.43 -2.78 -8.23
CA TYR A 423 -11.53 -2.22 -9.07
C TYR A 423 -10.93 -1.20 -10.05
N VAL A 424 -9.90 -0.46 -9.65
CA VAL A 424 -9.32 0.59 -10.53
C VAL A 424 -8.55 -0.12 -11.64
N ARG A 425 -7.75 -1.14 -11.30
CA ARG A 425 -7.06 -1.96 -12.34
C ARG A 425 -8.08 -2.57 -13.31
N ALA A 426 -9.15 -3.17 -12.78
CA ALA A 426 -10.13 -3.89 -13.62
C ALA A 426 -10.87 -2.90 -14.53
N ALA A 427 -11.31 -1.76 -13.99
CA ALA A 427 -12.05 -0.69 -14.71
C ALA A 427 -11.20 -0.12 -15.85
N GLU A 428 -9.91 0.13 -15.60
CA GLU A 428 -8.96 0.70 -16.57
C GLU A 428 -8.62 -0.40 -17.57
N MET A 429 -8.48 -1.65 -17.13
CA MET A 429 -8.21 -2.75 -18.08
C MET A 429 -9.44 -2.99 -18.98
N LEU A 430 -10.65 -3.16 -18.42
CA LEU A 430 -11.85 -3.51 -19.21
C LEU A 430 -12.13 -2.42 -20.26
N SER A 431 -12.04 -1.13 -19.89
CA SER A 431 -12.40 0.05 -20.72
C SER A 431 -11.27 0.36 -21.72
N ALA A 432 -10.08 -0.24 -21.55
CA ALA A 432 -8.87 0.10 -22.33
C ALA A 432 -8.97 -0.48 -23.73
N TRP A 433 -9.70 -1.59 -23.88
CA TRP A 433 -9.78 -2.38 -25.15
C TRP A 433 -10.37 -1.53 -26.29
N HIS A 434 -11.23 -0.55 -26.00
CA HIS A 434 -11.93 0.35 -26.97
C HIS A 434 -11.68 1.83 -26.67
N SER A 435 -11.75 2.70 -27.69
CA SER A 435 -11.97 4.17 -27.50
C SER A 435 -13.43 4.36 -27.14
N TRP A 436 -13.76 5.32 -26.28
CA TRP A 436 -15.15 5.60 -25.89
C TRP A 436 -15.55 7.02 -26.32
N ASP A 437 -16.76 7.19 -26.84
CA ASP A 437 -17.33 8.54 -27.06
C ASP A 437 -17.37 9.23 -25.70
N GLY A 438 -17.05 10.53 -25.67
CA GLY A 438 -16.95 11.33 -24.44
C GLY A 438 -18.28 11.44 -23.72
N MET A 439 -19.39 11.21 -24.42
CA MET A 439 -20.74 11.12 -23.79
C MET A 439 -20.78 9.93 -22.82
N ALA A 440 -19.95 8.89 -23.01
CA ALA A 440 -19.84 7.75 -22.05
C ALA A 440 -19.24 8.23 -20.71
N ARG A 441 -18.34 9.24 -20.72
CA ARG A 441 -17.75 9.82 -19.48
C ARG A 441 -16.92 8.76 -18.76
N ILE A 442 -16.25 7.89 -19.52
CA ILE A 442 -15.29 6.86 -19.04
C ILE A 442 -14.11 7.61 -18.43
N GLU A 443 -13.46 8.51 -19.19
CA GLU A 443 -12.26 9.28 -18.75
C GLU A 443 -12.56 9.96 -17.41
N GLU A 444 -13.70 10.64 -17.24
CA GLU A 444 -14.08 11.37 -16.00
C GLU A 444 -14.14 10.42 -14.79
N ARG A 445 -14.85 9.31 -14.96
CA ARG A 445 -15.06 8.23 -13.97
C ARG A 445 -13.69 7.74 -13.48
N LEU A 446 -12.82 7.34 -14.40
CA LEU A 446 -11.50 6.76 -14.08
C LEU A 446 -10.62 7.81 -13.40
N GLU A 447 -10.74 9.08 -13.80
CA GLU A 447 -9.95 10.18 -13.20
C GLU A 447 -10.40 10.33 -11.73
N GLN A 448 -11.70 10.40 -11.48
CA GLN A 448 -12.22 10.42 -10.09
C GLN A 448 -11.66 9.20 -9.35
N ALA A 449 -11.79 8.00 -9.92
CA ALA A 449 -11.38 6.73 -9.27
C ALA A 449 -9.89 6.80 -8.92
N ARG A 450 -9.01 7.04 -9.89
CA ARG A 450 -7.54 7.15 -9.65
C ARG A 450 -7.24 8.16 -8.53
N ARG A 451 -7.92 9.31 -8.48
CA ARG A 451 -7.56 10.42 -7.59
C ARG A 451 -8.01 10.13 -6.15
N GLU A 452 -9.18 9.55 -5.96
CA GLU A 452 -9.68 9.22 -4.61
C GLU A 452 -8.73 8.16 -4.04
N LEU A 453 -8.36 7.15 -4.83
CA LEU A 453 -7.46 6.07 -4.34
C LEU A 453 -6.10 6.72 -4.07
N SER A 454 -5.63 7.58 -4.98
CA SER A 454 -4.30 8.26 -4.85
C SER A 454 -4.26 9.07 -3.55
N LEU A 455 -5.30 9.85 -3.28
CA LEU A 455 -5.38 10.65 -2.04
C LEU A 455 -5.25 9.76 -0.80
N PHE A 456 -5.87 8.57 -0.81
CA PHE A 456 -5.88 7.69 0.39
C PHE A 456 -4.49 7.12 0.69
N GLN A 457 -3.56 7.22 -0.27
CA GLN A 457 -2.18 6.74 -0.07
C GLN A 457 -1.44 7.68 0.87
N HIS A 458 -1.95 8.90 1.07
CA HIS A 458 -1.39 9.91 2.01
C HIS A 458 -1.05 9.23 3.36
N HIS A 459 0.01 9.72 4.01
CA HIS A 459 0.54 9.18 5.29
C HIS A 459 -0.40 9.51 6.46
N ASP A 460 -1.55 10.13 6.22
CA ASP A 460 -2.65 10.18 7.23
C ASP A 460 -3.93 9.52 6.70
N GLY A 461 -3.89 8.90 5.51
CA GLY A 461 -5.02 8.12 4.94
C GLY A 461 -4.99 6.66 5.37
N ILE A 462 -4.34 5.83 4.58
CA ILE A 462 -4.26 4.35 4.73
C ILE A 462 -3.70 4.00 6.11
N THR A 463 -2.85 4.86 6.67
CA THR A 463 -2.25 4.72 8.02
C THR A 463 -3.32 4.70 9.14
N GLY A 464 -4.53 5.25 8.91
CA GLY A 464 -5.57 5.39 9.95
C GLY A 464 -5.11 6.32 11.08
N THR A 465 -4.45 7.43 10.73
CA THR A 465 -3.93 8.38 11.74
C THR A 465 -4.64 9.73 11.61
N ALA A 466 -5.82 9.76 10.99
CA ALA A 466 -6.63 10.99 10.78
C ALA A 466 -7.77 11.06 11.82
N LYS A 467 -8.37 12.23 12.01
CA LYS A 467 -9.55 12.38 12.90
C LYS A 467 -10.74 11.66 12.26
N THR A 468 -11.74 11.30 13.08
CA THR A 468 -12.96 10.56 12.71
C THR A 468 -13.62 11.14 11.45
N HIS A 469 -13.85 12.46 11.36
CA HIS A 469 -14.59 13.08 10.22
C HIS A 469 -13.74 13.02 8.95
N VAL A 470 -12.41 13.01 9.07
CA VAL A 470 -11.49 12.91 7.89
C VAL A 470 -11.51 11.47 7.36
N VAL A 471 -11.39 10.48 8.25
CA VAL A 471 -11.58 9.05 7.89
C VAL A 471 -12.90 8.91 7.12
N VAL A 472 -13.95 9.59 7.58
CA VAL A 472 -15.30 9.49 6.94
C VAL A 472 -15.24 10.11 5.55
N ASP A 473 -14.57 11.25 5.40
CA ASP A 473 -14.35 11.88 4.07
C ASP A 473 -13.61 10.84 3.18
N TYR A 474 -12.54 10.21 3.69
CA TYR A 474 -11.73 9.27 2.86
C TYR A 474 -12.65 8.11 2.43
N GLU A 475 -13.44 7.60 3.37
CA GLU A 475 -14.39 6.48 3.10
C GLU A 475 -15.34 6.88 1.98
N GLN A 476 -15.95 8.07 2.10
CA GLN A 476 -16.99 8.58 1.16
C GLN A 476 -16.37 8.74 -0.24
N ARG A 477 -15.14 9.24 -0.32
CA ARG A 477 -14.43 9.40 -1.62
C ARG A 477 -14.17 8.01 -2.23
N MET A 478 -13.73 7.05 -1.42
CA MET A 478 -13.42 5.68 -1.92
C MET A 478 -14.73 5.01 -2.36
N GLN A 479 -15.81 5.25 -1.64
CA GLN A 479 -17.16 4.71 -1.97
C GLN A 479 -17.60 5.25 -3.33
N GLU A 480 -17.46 6.57 -3.56
CA GLU A 480 -17.77 7.19 -4.88
C GLU A 480 -16.90 6.57 -5.97
N ALA A 481 -15.61 6.37 -5.69
CA ALA A 481 -14.62 5.79 -6.63
C ALA A 481 -14.98 4.35 -7.00
N LEU A 482 -15.43 3.56 -6.03
CA LEU A 482 -15.86 2.15 -6.27
C LEU A 482 -17.04 2.17 -7.25
N LYS A 483 -17.98 3.09 -7.03
CA LYS A 483 -19.23 3.19 -7.83
C LYS A 483 -18.84 3.61 -9.24
N ALA A 484 -17.90 4.55 -9.37
CA ALA A 484 -17.43 4.98 -10.70
C ALA A 484 -16.80 3.78 -11.44
N CYS A 485 -15.94 2.97 -10.77
CA CYS A 485 -15.31 1.76 -11.38
C CYS A 485 -16.37 0.75 -11.84
N GLN A 486 -17.40 0.49 -11.03
CA GLN A 486 -18.50 -0.47 -11.34
C GLN A 486 -19.16 -0.04 -12.66
N MET A 487 -19.49 1.24 -12.75
CA MET A 487 -20.17 1.85 -13.91
C MET A 487 -19.33 1.61 -15.16
N VAL A 488 -18.01 1.83 -15.10
CA VAL A 488 -17.06 1.65 -16.25
C VAL A 488 -16.97 0.16 -16.60
N MET A 489 -16.87 -0.70 -15.57
CA MET A 489 -16.66 -2.15 -15.76
C MET A 489 -17.90 -2.73 -16.47
N GLN A 490 -19.10 -2.34 -16.07
CA GLN A 490 -20.34 -3.01 -16.58
C GLN A 490 -20.60 -2.52 -18.00
N GLN A 491 -20.35 -1.23 -18.29
CA GLN A 491 -20.37 -0.69 -19.69
C GLN A 491 -19.38 -1.49 -20.52
N SER A 492 -18.14 -1.65 -20.05
CA SER A 492 -17.07 -2.33 -20.84
C SER A 492 -17.48 -3.79 -21.15
N VAL A 493 -18.09 -4.49 -20.19
CA VAL A 493 -18.43 -5.93 -20.34
C VAL A 493 -19.53 -6.07 -21.40
N TYR A 494 -20.57 -5.25 -21.29
CA TYR A 494 -21.70 -5.27 -22.24
C TYR A 494 -21.14 -5.07 -23.64
N ARG A 495 -20.22 -4.13 -23.79
CA ARG A 495 -19.62 -3.83 -25.12
C ARG A 495 -18.79 -5.03 -25.59
N LEU A 496 -18.03 -5.67 -24.71
CA LEU A 496 -17.07 -6.73 -25.10
C LEU A 496 -17.82 -8.03 -25.44
N LEU A 497 -19.04 -8.23 -24.94
CA LEU A 497 -19.74 -9.55 -25.05
C LEU A 497 -21.09 -9.44 -25.78
N THR A 498 -21.35 -8.31 -26.47
CA THR A 498 -22.57 -8.08 -27.27
C THR A 498 -22.16 -8.03 -28.75
N LYS A 499 -22.88 -8.72 -29.62
CA LYS A 499 -22.56 -8.74 -31.06
C LYS A 499 -22.46 -7.29 -31.55
N PRO A 500 -21.38 -6.91 -32.28
CA PRO A 500 -21.28 -5.57 -32.83
C PRO A 500 -22.54 -5.18 -33.64
N SER A 501 -23.19 -6.14 -34.31
CA SER A 501 -24.40 -5.93 -35.16
C SER A 501 -25.58 -5.45 -34.31
N ILE A 502 -25.56 -5.72 -33.02
CA ILE A 502 -26.62 -5.34 -32.05
C ILE A 502 -26.16 -4.21 -31.12
N TYR A 503 -24.87 -4.17 -30.75
CA TYR A 503 -24.34 -3.26 -29.70
C TYR A 503 -24.84 -1.83 -29.99
N SER A 504 -25.70 -1.29 -29.14
CA SER A 504 -26.32 0.06 -29.29
C SER A 504 -26.53 0.69 -27.91
N PRO A 505 -25.46 1.14 -27.24
CA PRO A 505 -25.49 1.42 -25.80
C PRO A 505 -26.19 2.69 -25.32
N ASP A 506 -26.84 2.61 -24.17
CA ASP A 506 -27.27 3.78 -23.35
C ASP A 506 -26.25 3.96 -22.23
N PHE A 507 -25.32 4.89 -22.43
CA PHE A 507 -24.13 5.09 -21.57
C PHE A 507 -24.56 5.37 -20.12
N SER A 508 -25.81 5.68 -19.84
CA SER A 508 -26.27 5.90 -18.45
C SER A 508 -26.92 4.66 -17.84
N PHE A 509 -27.01 3.53 -18.54
CA PHE A 509 -27.78 2.36 -18.07
C PHE A 509 -26.87 1.31 -17.43
N SER A 510 -27.36 0.68 -16.36
CA SER A 510 -26.78 -0.51 -15.69
C SER A 510 -27.17 -1.78 -16.44
N TYR A 511 -26.28 -2.27 -17.30
CA TYR A 511 -26.45 -3.55 -18.01
C TYR A 511 -26.16 -4.69 -17.04
N PHE A 512 -25.13 -4.54 -16.20
CA PHE A 512 -24.82 -5.50 -15.12
C PHE A 512 -24.72 -4.75 -13.79
N THR A 513 -25.10 -5.41 -12.69
CA THR A 513 -24.61 -5.03 -11.33
C THR A 513 -23.49 -6.01 -10.94
N LEU A 514 -22.54 -5.55 -10.14
CA LEU A 514 -21.38 -6.35 -9.68
C LEU A 514 -21.77 -7.16 -8.45
N ASP A 515 -21.33 -8.41 -8.38
CA ASP A 515 -21.48 -9.22 -7.16
C ASP A 515 -20.09 -9.36 -6.57
N ASP A 516 -19.93 -9.02 -5.29
CA ASP A 516 -18.65 -9.14 -4.55
C ASP A 516 -18.96 -9.83 -3.22
N SER A 517 -18.47 -11.06 -3.05
CA SER A 517 -18.65 -11.84 -1.80
C SER A 517 -17.65 -11.43 -0.69
N ARG A 518 -16.71 -10.50 -0.92
CA ARG A 518 -15.66 -10.17 0.08
C ARG A 518 -15.61 -8.70 0.49
N TRP A 519 -16.26 -7.79 -0.26
CA TRP A 519 -16.39 -6.38 0.17
C TRP A 519 -17.84 -5.96 0.04
N PRO A 520 -18.48 -5.43 1.11
CA PRO A 520 -17.88 -5.34 2.44
C PRO A 520 -17.85 -6.66 3.23
N GLY A 521 -18.53 -7.70 2.71
CA GLY A 521 -18.83 -8.96 3.42
C GLY A 521 -20.26 -8.96 3.94
N SER A 522 -21.02 -10.03 3.69
CA SER A 522 -22.46 -10.14 4.03
C SER A 522 -22.62 -9.96 5.55
N GLY A 523 -21.64 -10.42 6.35
CA GLY A 523 -21.53 -10.22 7.79
C GLY A 523 -21.40 -8.74 8.16
N VAL A 524 -20.68 -7.96 7.35
CA VAL A 524 -20.49 -6.49 7.60
C VAL A 524 -21.74 -5.75 7.10
N GLU A 525 -22.12 -5.93 5.83
CA GLU A 525 -23.30 -5.26 5.23
C GLU A 525 -24.07 -6.28 4.39
N ASP A 526 -25.36 -6.42 4.67
CA ASP A 526 -26.31 -7.40 4.08
C ASP A 526 -26.72 -6.90 2.70
N SER A 527 -25.78 -6.82 1.74
CA SER A 527 -25.94 -5.95 0.55
C SER A 527 -25.85 -6.72 -0.78
N ARG A 528 -25.59 -8.03 -0.81
CA ARG A 528 -25.56 -8.77 -2.09
C ARG A 528 -26.99 -8.89 -2.65
N THR A 529 -27.14 -8.84 -3.97
CA THR A 529 -28.45 -9.01 -4.66
C THR A 529 -28.73 -10.52 -4.76
N THR A 530 -29.99 -10.91 -4.57
CA THR A 530 -30.50 -12.29 -4.85
C THR A 530 -30.96 -12.34 -6.31
N ILE A 531 -30.35 -13.16 -7.14
CA ILE A 531 -30.90 -13.47 -8.49
C ILE A 531 -32.23 -14.22 -8.27
N ILE A 532 -33.37 -13.57 -8.51
CA ILE A 532 -34.71 -14.15 -8.20
C ILE A 532 -35.20 -14.85 -9.47
N LEU A 533 -35.15 -16.18 -9.50
CA LEU A 533 -35.61 -17.02 -10.65
C LEU A 533 -36.93 -17.70 -10.28
N GLY A 534 -37.77 -17.90 -11.29
CA GLY A 534 -39.01 -18.69 -11.21
C GLY A 534 -39.39 -19.16 -12.60
N GLU A 535 -40.02 -20.34 -12.72
CA GLU A 535 -40.31 -21.01 -14.03
C GLU A 535 -41.19 -20.11 -14.91
N ASP A 536 -42.03 -19.23 -14.32
CA ASP A 536 -42.91 -18.27 -15.04
C ASP A 536 -42.13 -16.99 -15.35
N ILE A 537 -41.75 -16.26 -14.30
CA ILE A 537 -40.98 -14.98 -14.42
C ILE A 537 -39.49 -15.28 -14.20
N LEU A 538 -38.67 -15.18 -15.25
CA LEU A 538 -37.19 -15.25 -15.18
C LEU A 538 -36.77 -16.67 -14.80
N PRO A 539 -36.83 -17.62 -15.76
CA PRO A 539 -36.29 -18.96 -15.55
C PRO A 539 -34.75 -19.03 -15.52
N SER A 540 -34.06 -18.18 -16.30
CA SER A 540 -32.58 -18.14 -16.43
C SER A 540 -32.00 -16.73 -16.18
N LYS A 541 -30.71 -16.69 -15.84
CA LYS A 541 -29.91 -15.44 -15.63
C LYS A 541 -28.50 -15.66 -16.18
N HIS A 542 -28.06 -14.79 -17.09
CA HIS A 542 -26.63 -14.65 -17.52
C HIS A 542 -25.80 -14.01 -16.39
N VAL A 543 -24.65 -14.61 -16.08
CA VAL A 543 -23.58 -14.01 -15.23
C VAL A 543 -22.31 -14.01 -16.07
N VAL A 544 -21.39 -13.09 -15.77
CA VAL A 544 -20.08 -12.94 -16.45
C VAL A 544 -18.98 -12.79 -15.40
N MET A 545 -17.87 -13.50 -15.60
CA MET A 545 -16.65 -13.41 -14.76
C MET A 545 -15.56 -12.74 -15.62
N HIS A 546 -14.84 -11.78 -15.03
CA HIS A 546 -13.65 -11.09 -15.61
C HIS A 546 -12.41 -11.58 -14.89
N ASN A 547 -11.33 -11.78 -15.61
CA ASN A 547 -10.02 -12.21 -15.07
C ASN A 547 -8.99 -11.15 -15.47
N THR A 548 -8.61 -10.26 -14.55
CA THR A 548 -7.63 -9.18 -14.88
C THR A 548 -6.23 -9.78 -15.08
N LEU A 549 -5.94 -10.97 -14.56
CA LEU A 549 -4.58 -11.57 -14.67
C LEU A 549 -4.34 -12.12 -16.07
N PRO A 550 -3.10 -12.03 -16.61
CA PRO A 550 -2.78 -12.46 -17.97
C PRO A 550 -2.46 -13.95 -18.10
N HIS A 551 -3.24 -14.82 -17.45
CA HIS A 551 -3.16 -16.30 -17.61
C HIS A 551 -4.56 -16.89 -17.42
N TRP A 552 -4.82 -18.10 -17.94
CA TRP A 552 -6.10 -18.84 -17.74
C TRP A 552 -6.27 -19.01 -16.24
N ARG A 553 -7.47 -18.73 -15.73
CA ARG A 553 -7.76 -18.99 -14.31
C ARG A 553 -9.10 -19.75 -14.19
N GLU A 554 -9.15 -20.69 -13.25
CA GLU A 554 -10.32 -21.53 -12.91
C GLU A 554 -10.56 -21.41 -11.42
N GLN A 555 -11.52 -20.57 -11.01
CA GLN A 555 -11.77 -20.20 -9.60
C GLN A 555 -13.25 -20.45 -9.30
N LEU A 556 -13.54 -20.99 -8.11
CA LEU A 556 -14.91 -21.08 -7.60
C LEU A 556 -15.49 -19.66 -7.49
N VAL A 557 -16.73 -19.46 -7.97
CA VAL A 557 -17.51 -18.19 -7.85
C VAL A 557 -18.85 -18.57 -7.21
N ASP A 558 -19.52 -17.61 -6.61
CA ASP A 558 -20.82 -17.88 -5.94
C ASP A 558 -21.78 -16.71 -6.22
N PHE A 559 -23.07 -17.00 -6.23
CA PHE A 559 -24.15 -15.98 -6.34
C PHE A 559 -25.30 -16.31 -5.39
N TYR A 560 -26.02 -15.31 -4.93
CA TYR A 560 -27.28 -15.50 -4.18
C TYR A 560 -28.38 -15.82 -5.20
N VAL A 561 -29.14 -16.89 -4.95
CA VAL A 561 -30.33 -17.34 -5.75
C VAL A 561 -31.50 -17.66 -4.80
N SER A 562 -32.72 -17.44 -5.30
CA SER A 562 -34.01 -17.48 -4.54
C SER A 562 -34.53 -18.92 -4.41
N SER A 563 -33.93 -19.90 -5.10
CA SER A 563 -34.27 -21.35 -5.06
C SER A 563 -32.99 -22.19 -5.04
N PRO A 564 -32.97 -23.37 -4.37
CA PRO A 564 -31.82 -24.24 -4.41
C PRO A 564 -31.77 -25.11 -5.67
N PHE A 565 -32.84 -25.14 -6.46
CA PHE A 565 -32.95 -26.00 -7.69
C PHE A 565 -32.49 -25.18 -8.91
N VAL A 566 -31.18 -24.91 -8.93
CA VAL A 566 -30.52 -24.10 -9.98
C VAL A 566 -29.40 -24.95 -10.57
N SER A 567 -29.28 -24.95 -11.90
CA SER A 567 -28.23 -25.63 -12.70
C SER A 567 -27.41 -24.57 -13.43
N VAL A 568 -26.15 -24.89 -13.73
CA VAL A 568 -25.22 -23.94 -14.38
C VAL A 568 -24.84 -24.53 -15.72
N THR A 569 -24.84 -23.69 -16.75
CA THR A 569 -24.33 -24.01 -18.09
C THR A 569 -23.37 -22.90 -18.51
N ASP A 570 -22.45 -23.17 -19.43
CA ASP A 570 -21.84 -22.09 -20.24
C ASP A 570 -22.92 -21.65 -21.23
N LEU A 571 -22.62 -20.73 -22.14
CA LEU A 571 -23.63 -20.22 -23.10
C LEU A 571 -23.89 -21.31 -24.15
N ALA A 572 -22.91 -22.17 -24.42
CA ALA A 572 -23.00 -23.32 -25.36
C ALA A 572 -23.82 -24.47 -24.75
N ASN A 573 -24.36 -24.26 -23.54
CA ASN A 573 -25.29 -25.17 -22.84
C ASN A 573 -24.56 -26.42 -22.31
N ASN A 574 -23.23 -26.48 -22.35
CA ASN A 574 -22.45 -27.52 -21.64
C ASN A 574 -22.78 -27.41 -20.16
N PRO A 575 -23.14 -28.52 -19.48
CA PRO A 575 -23.48 -28.45 -18.06
C PRO A 575 -22.19 -28.19 -17.27
N VAL A 576 -22.29 -27.44 -16.16
CA VAL A 576 -21.14 -27.12 -15.26
C VAL A 576 -21.50 -27.64 -13.87
N GLU A 577 -20.60 -28.39 -13.26
CA GLU A 577 -20.87 -28.97 -11.92
C GLU A 577 -20.97 -27.80 -10.92
N ALA A 578 -21.98 -27.83 -10.07
CA ALA A 578 -22.25 -26.78 -9.06
C ALA A 578 -22.55 -27.40 -7.71
N GLN A 579 -22.46 -26.58 -6.67
CA GLN A 579 -22.88 -26.91 -5.30
C GLN A 579 -23.78 -25.77 -4.83
N VAL A 580 -24.85 -26.10 -4.09
CA VAL A 580 -25.72 -25.12 -3.38
C VAL A 580 -25.47 -25.27 -1.89
N SER A 581 -25.19 -24.15 -1.22
CA SER A 581 -25.05 -24.06 0.25
C SER A 581 -26.14 -23.12 0.75
N PRO A 582 -26.48 -23.17 2.05
CA PRO A 582 -27.41 -22.19 2.61
C PRO A 582 -26.71 -20.83 2.76
N VAL A 583 -27.53 -19.81 3.05
CA VAL A 583 -27.02 -18.47 3.45
C VAL A 583 -27.08 -18.38 4.97
N TRP A 584 -25.90 -18.34 5.60
CA TRP A 584 -25.74 -18.22 7.08
C TRP A 584 -25.43 -16.76 7.45
N SER A 585 -26.06 -16.25 8.51
CA SER A 585 -25.72 -14.95 9.17
C SER A 585 -25.57 -15.20 10.67
N TRP A 586 -24.70 -14.44 11.33
CA TRP A 586 -24.43 -14.63 12.78
C TRP A 586 -25.10 -13.53 13.59
N HIS A 587 -25.54 -13.86 14.80
CA HIS A 587 -26.39 -12.99 15.66
C HIS A 587 -25.97 -13.15 17.13
N HIS A 588 -26.29 -12.17 17.97
CA HIS A 588 -25.59 -11.86 19.26
C HIS A 588 -26.61 -11.53 20.37
N ASP A 589 -26.90 -12.48 21.27
CA ASP A 589 -27.67 -12.30 22.54
C ASP A 589 -27.44 -10.88 23.08
N THR A 594 -24.43 -14.94 23.90
CA THR A 594 -24.43 -16.06 22.91
C THR A 594 -24.42 -15.52 21.46
N ILE A 595 -23.48 -16.03 20.65
CA ILE A 595 -23.29 -15.69 19.21
C ILE A 595 -23.58 -16.97 18.42
N HIS A 596 -24.64 -16.95 17.61
CA HIS A 596 -25.23 -18.17 16.98
C HIS A 596 -25.64 -17.89 15.53
N PRO A 597 -25.55 -18.92 14.66
CA PRO A 597 -25.90 -18.76 13.26
C PRO A 597 -27.39 -19.02 13.03
N GLN A 598 -27.96 -18.26 12.09
CA GLN A 598 -29.34 -18.38 11.59
C GLN A 598 -29.25 -18.56 10.07
N GLY A 599 -30.17 -19.33 9.49
CA GLY A 599 -30.24 -19.64 8.06
C GLY A 599 -31.33 -18.83 7.39
N SER A 600 -31.13 -18.49 6.11
CA SER A 600 -32.18 -17.97 5.21
C SER A 600 -33.10 -19.14 4.81
N THR A 601 -34.39 -18.85 4.66
CA THR A 601 -35.42 -19.77 4.12
C THR A 601 -35.79 -19.27 2.72
N THR A 602 -35.13 -18.21 2.24
CA THR A 602 -35.54 -17.45 1.03
C THR A 602 -34.40 -17.31 0.01
N LYS A 603 -33.13 -17.57 0.37
CA LYS A 603 -31.99 -17.47 -0.60
C LYS A 603 -30.87 -18.44 -0.25
N TYR A 604 -30.08 -18.78 -1.26
CA TYR A 604 -29.12 -19.90 -1.26
C TYR A 604 -27.89 -19.41 -2.00
N ARG A 605 -26.76 -20.07 -1.82
CA ARG A 605 -25.54 -19.78 -2.60
C ARG A 605 -25.41 -20.86 -3.67
N ILE A 606 -25.35 -20.48 -4.93
CA ILE A 606 -24.91 -21.38 -6.03
C ILE A 606 -23.42 -21.13 -6.19
N ILE A 607 -22.63 -22.20 -6.26
CA ILE A 607 -21.15 -22.20 -6.29
C ILE A 607 -20.73 -23.10 -7.43
N PHE A 608 -19.87 -22.61 -8.30
CA PHE A 608 -19.35 -23.36 -9.46
C PHE A 608 -18.00 -22.75 -9.87
N LYS A 609 -17.26 -23.50 -10.69
CA LYS A 609 -15.89 -23.15 -11.15
C LYS A 609 -16.04 -22.37 -12.46
N ALA A 610 -15.65 -21.10 -12.48
CA ALA A 610 -15.51 -20.31 -13.72
C ALA A 610 -14.12 -20.56 -14.27
N ARG A 611 -14.05 -20.93 -15.54
CA ARG A 611 -12.81 -20.91 -16.36
C ARG A 611 -12.83 -19.62 -17.18
N VAL A 612 -11.86 -18.72 -16.96
CA VAL A 612 -11.85 -17.37 -17.59
C VAL A 612 -10.50 -17.18 -18.29
N PRO A 613 -10.51 -16.71 -19.56
CA PRO A 613 -9.28 -16.49 -20.32
C PRO A 613 -8.38 -15.41 -19.71
N PRO A 614 -7.12 -15.31 -20.17
CA PRO A 614 -6.22 -14.25 -19.71
C PRO A 614 -6.85 -12.91 -20.05
N MET A 615 -6.93 -12.00 -19.06
CA MET A 615 -7.37 -10.60 -19.30
C MET A 615 -8.69 -10.66 -20.09
N GLY A 616 -9.55 -11.59 -19.70
CA GLY A 616 -10.74 -11.97 -20.49
C GLY A 616 -11.98 -12.17 -19.65
N LEU A 617 -13.05 -12.60 -20.33
CA LEU A 617 -14.42 -12.73 -19.79
C LEU A 617 -14.97 -14.10 -20.20
N ALA A 618 -15.82 -14.67 -19.36
CA ALA A 618 -16.56 -15.94 -19.62
C ALA A 618 -18.00 -15.79 -19.11
N THR A 619 -18.97 -16.11 -19.97
CA THR A 619 -20.42 -16.08 -19.68
C THR A 619 -20.90 -17.47 -19.23
N TYR A 620 -21.75 -17.48 -18.23
CA TYR A 620 -22.47 -18.67 -17.74
C TYR A 620 -23.94 -18.31 -17.49
N VAL A 621 -24.77 -19.35 -17.36
CA VAL A 621 -26.25 -19.24 -17.25
C VAL A 621 -26.66 -20.02 -16.01
N LEU A 622 -27.40 -19.36 -15.12
CA LEU A 622 -28.07 -19.97 -13.96
C LEU A 622 -29.54 -20.21 -14.36
N THR A 623 -29.99 -21.47 -14.34
CA THR A 623 -31.38 -21.88 -14.73
C THR A 623 -32.07 -22.61 -13.56
N ILE A 624 -33.34 -22.30 -13.32
CA ILE A 624 -34.17 -22.96 -12.28
C ILE A 624 -34.77 -24.27 -12.85
N SER A 625 -35.06 -25.24 -11.98
CA SER A 625 -35.94 -26.41 -12.26
C SER A 625 -36.92 -26.60 -11.10
N ASP A 626 -37.83 -27.57 -11.21
CA ASP A 626 -38.84 -27.87 -10.16
C ASP A 626 -38.16 -28.65 -9.04
N SER A 627 -37.05 -29.34 -9.35
CA SER A 627 -36.39 -30.36 -8.47
C SER A 627 -34.87 -30.41 -8.69
N LYS A 628 -34.18 -31.20 -7.86
CA LYS A 628 -32.72 -31.41 -7.88
C LYS A 628 -32.25 -31.63 -9.31
N PRO A 629 -31.40 -30.74 -9.86
CA PRO A 629 -30.86 -30.92 -11.20
C PRO A 629 -29.74 -31.95 -11.19
N GLU A 630 -29.36 -32.46 -12.36
CA GLU A 630 -28.39 -33.57 -12.50
C GLU A 630 -27.00 -33.17 -11.95
N HIS A 631 -26.57 -31.92 -12.17
CA HIS A 631 -25.13 -31.52 -12.07
C HIS A 631 -24.91 -30.61 -10.86
N THR A 632 -25.87 -30.52 -9.94
CA THR A 632 -25.83 -29.64 -8.74
C THR A 632 -25.97 -30.50 -7.49
N SER A 633 -25.04 -30.35 -6.54
CA SER A 633 -24.99 -31.09 -5.26
C SER A 633 -25.33 -30.13 -4.13
N TYR A 634 -25.68 -30.69 -2.98
CA TYR A 634 -26.14 -29.94 -1.79
C TYR A 634 -25.19 -30.31 -0.65
N ALA A 635 -24.71 -29.26 0.03
CA ALA A 635 -23.85 -29.36 1.21
C ALA A 635 -24.71 -29.85 2.37
N SER A 636 -24.12 -30.62 3.27
CA SER A 636 -24.69 -30.91 4.60
C SER A 636 -24.28 -29.75 5.51
N ASN A 637 -24.95 -29.62 6.63
CA ASN A 637 -24.73 -28.54 7.61
C ASN A 637 -24.83 -29.18 8.99
N LEU A 638 -23.76 -29.08 9.79
CA LEU A 638 -23.69 -29.63 11.16
C LEU A 638 -23.48 -28.47 12.13
N LEU A 639 -24.42 -28.26 13.05
CA LEU A 639 -24.41 -27.18 14.07
C LEU A 639 -24.04 -27.74 15.46
N LEU A 640 -22.78 -27.59 15.86
CA LEU A 640 -22.23 -28.10 17.15
C LEU A 640 -22.50 -27.08 18.27
N ARG A 641 -23.32 -27.42 19.27
CA ARG A 641 -23.55 -26.57 20.47
C ARG A 641 -24.12 -27.42 21.62
N ASN A 643 -26.69 -27.92 22.98
CA ASN A 643 -28.04 -27.98 23.58
C ASN A 643 -29.07 -27.42 22.58
N PRO A 644 -29.27 -28.10 21.42
CA PRO A 644 -29.86 -27.46 20.24
C PRO A 644 -31.35 -27.04 20.28
N THR A 645 -31.75 -26.21 19.30
CA THR A 645 -33.16 -25.90 18.92
C THR A 645 -33.23 -25.74 17.39
N SER A 646 -34.32 -26.25 16.77
CA SER A 646 -34.44 -26.53 15.31
C SER A 646 -34.24 -25.26 14.47
N LEU A 647 -33.64 -25.44 13.27
CA LEU A 647 -33.31 -24.38 12.28
C LEU A 647 -33.78 -24.82 10.89
N PRO A 648 -34.88 -24.22 10.37
CA PRO A 648 -35.35 -24.53 9.03
C PRO A 648 -34.48 -23.84 7.97
N LEU A 649 -34.56 -24.27 6.70
CA LEU A 649 -33.84 -23.66 5.55
C LEU A 649 -34.73 -23.68 4.30
N GLY A 650 -36.03 -23.38 4.46
CA GLY A 650 -37.06 -23.42 3.40
C GLY A 650 -36.94 -24.66 2.54
N GLN A 651 -36.70 -24.49 1.23
CA GLN A 651 -36.67 -25.58 0.22
C GLN A 651 -35.29 -26.27 0.16
N TYR A 652 -34.28 -25.82 0.91
CA TYR A 652 -32.94 -26.48 0.97
C TYR A 652 -33.18 -27.96 1.26
N PRO A 653 -32.84 -28.88 0.33
CA PRO A 653 -33.22 -30.29 0.47
C PRO A 653 -32.61 -31.03 1.68
N GLU A 654 -31.39 -30.68 2.11
CA GLU A 654 -30.68 -31.40 3.21
C GLU A 654 -30.97 -30.72 4.55
N ASP A 655 -31.46 -31.47 5.55
CA ASP A 655 -31.84 -30.90 6.87
C ASP A 655 -30.56 -30.66 7.67
N VAL A 656 -30.53 -29.60 8.48
CA VAL A 656 -29.40 -29.30 9.40
C VAL A 656 -29.34 -30.42 10.43
N LYS A 657 -28.20 -31.12 10.51
CA LYS A 657 -27.83 -32.05 11.61
C LYS A 657 -27.35 -31.21 12.81
N PHE A 658 -27.43 -31.77 14.03
CA PHE A 658 -27.05 -31.10 15.30
C PHE A 658 -26.16 -32.03 16.12
N GLY A 659 -25.65 -31.52 17.25
CA GLY A 659 -24.73 -32.28 18.12
C GLY A 659 -23.97 -31.40 19.10
N ASP A 660 -23.14 -32.07 19.92
CA ASP A 660 -22.24 -31.47 20.93
C ASP A 660 -20.93 -31.06 20.29
N PRO A 661 -20.29 -29.97 20.76
CA PRO A 661 -18.92 -29.70 20.36
C PRO A 661 -18.09 -30.99 20.28
N ARG A 662 -17.29 -31.12 19.22
CA ARG A 662 -16.28 -32.19 19.08
C ARG A 662 -15.25 -31.76 18.02
N GLU A 663 -14.14 -32.49 17.97
CA GLU A 663 -13.10 -32.35 16.91
C GLU A 663 -13.66 -32.84 15.57
N ILE A 664 -13.27 -32.17 14.49
CA ILE A 664 -13.71 -32.47 13.10
C ILE A 664 -12.48 -32.41 12.18
N SER A 665 -12.48 -33.29 11.19
CA SER A 665 -11.56 -33.29 10.03
C SER A 665 -12.45 -33.06 8.81
N LEU A 666 -11.97 -32.29 7.83
CA LEU A 666 -12.65 -32.09 6.52
C LEU A 666 -11.58 -32.12 5.44
N ARG A 667 -11.94 -32.59 4.26
CA ARG A 667 -11.06 -32.54 3.07
C ARG A 667 -11.93 -32.11 1.89
N VAL A 668 -11.39 -31.35 0.95
CA VAL A 668 -12.07 -31.05 -0.34
C VAL A 668 -11.11 -31.42 -1.49
N GLY A 669 -11.62 -32.17 -2.47
CA GLY A 669 -10.83 -32.64 -3.62
C GLY A 669 -9.58 -33.36 -3.16
N ASN A 670 -8.52 -33.25 -3.96
CA ASN A 670 -7.17 -33.83 -3.69
C ASN A 670 -6.49 -33.07 -2.54
N GLY A 671 -6.87 -31.80 -2.35
CA GLY A 671 -6.22 -30.78 -1.50
C GLY A 671 -6.21 -31.22 -0.04
N PRO A 672 -5.73 -30.37 0.90
CA PRO A 672 -5.32 -30.85 2.22
C PRO A 672 -6.50 -31.30 3.08
N THR A 673 -6.16 -32.01 4.15
CA THR A 673 -7.09 -32.42 5.23
C THR A 673 -6.78 -31.53 6.42
N LEU A 674 -7.76 -30.78 6.87
CA LEU A 674 -7.60 -29.90 8.03
C LEU A 674 -8.32 -30.56 9.18
N ALA A 675 -7.68 -30.57 10.36
CA ALA A 675 -8.30 -30.95 11.65
C ALA A 675 -8.56 -29.67 12.46
N PHE A 676 -9.72 -29.59 13.11
CA PHE A 676 -10.19 -28.42 13.91
C PHE A 676 -10.47 -28.87 15.34
N SER A 677 -10.21 -28.01 16.32
CA SER A 677 -10.57 -28.21 17.75
C SER A 677 -12.09 -28.23 17.90
N GLU A 678 -12.59 -28.33 19.12
CA GLU A 678 -14.06 -28.32 19.41
C GLU A 678 -14.57 -26.89 19.52
N GLN A 679 -13.68 -25.89 19.45
CA GLN A 679 -14.09 -24.46 19.37
C GLN A 679 -13.99 -23.96 17.93
N GLY A 680 -13.53 -24.83 17.01
CA GLY A 680 -13.65 -24.65 15.55
C GLY A 680 -12.43 -23.98 14.96
N LEU A 681 -11.28 -24.23 15.57
CA LEU A 681 -10.00 -23.56 15.26
C LEU A 681 -9.01 -24.62 14.77
N LEU A 682 -8.35 -24.33 13.65
CA LEU A 682 -7.34 -25.20 12.99
C LEU A 682 -6.33 -25.73 14.02
N LYS A 683 -6.21 -27.05 14.15
CA LYS A 683 -5.13 -27.60 15.03
C LYS A 683 -4.13 -28.37 14.16
N SER A 684 -4.45 -28.72 12.92
CA SER A 684 -3.48 -29.46 12.05
C SER A 684 -3.91 -29.44 10.59
N ILE A 685 -2.93 -29.65 9.72
CA ILE A 685 -3.01 -29.72 8.24
C ILE A 685 -2.21 -30.95 7.84
N GLN A 686 -2.85 -31.89 7.13
CA GLN A 686 -2.20 -32.99 6.40
C GLN A 686 -2.13 -32.60 4.92
N LEU A 687 -0.95 -32.40 4.37
CA LEU A 687 -0.82 -31.97 2.96
C LEU A 687 -1.40 -33.02 2.02
N THR A 688 -0.80 -34.23 2.00
CA THR A 688 -1.16 -35.39 1.15
C THR A 688 -1.70 -36.52 2.03
N GLN A 689 -2.09 -37.65 1.42
CA GLN A 689 -2.80 -38.79 2.06
C GLN A 689 -1.80 -39.62 2.90
N ASP A 690 -0.61 -39.88 2.37
CA ASP A 690 0.50 -40.55 3.11
C ASP A 690 0.97 -39.66 4.28
N SER A 691 1.38 -38.42 3.98
CA SER A 691 2.20 -37.49 4.82
C SER A 691 1.58 -37.24 6.18
N PRO A 692 2.35 -36.67 7.15
CA PRO A 692 1.86 -36.44 8.51
C PRO A 692 0.82 -35.32 8.70
N HIS A 693 0.07 -35.41 9.79
CA HIS A 693 -0.81 -34.35 10.33
C HIS A 693 0.09 -33.33 11.05
N VAL A 694 0.54 -32.29 10.33
CA VAL A 694 1.49 -31.24 10.81
C VAL A 694 0.71 -30.28 11.72
N PRO A 695 1.15 -30.06 12.97
CA PRO A 695 0.40 -29.20 13.91
C PRO A 695 0.44 -27.74 13.42
N VAL A 696 -0.71 -27.06 13.47
CA VAL A 696 -0.90 -25.65 13.06
C VAL A 696 -2.10 -25.11 13.85
N HIS A 697 -1.85 -24.44 14.98
CA HIS A 697 -2.91 -24.01 15.94
C HIS A 697 -3.18 -22.52 15.73
N PHE A 698 -4.44 -22.17 15.44
CA PHE A 698 -4.95 -20.78 15.42
C PHE A 698 -5.40 -20.48 16.86
N LYS A 699 -5.01 -19.31 17.39
CA LYS A 699 -5.54 -18.77 18.67
C LYS A 699 -5.65 -17.25 18.56
N PHE A 700 -6.69 -16.71 19.18
CA PHE A 700 -6.91 -15.26 19.38
C PHE A 700 -6.38 -14.90 20.75
N LEU A 701 -5.66 -13.78 20.84
CA LEU A 701 -5.19 -13.17 22.12
C LEU A 701 -5.47 -11.67 22.10
N LYS A 702 -5.14 -11.00 23.20
CA LYS A 702 -5.36 -9.55 23.38
C LYS A 702 -4.08 -8.98 23.99
N TYR A 703 -3.69 -7.83 23.47
CA TYR A 703 -2.72 -6.90 24.08
C TYR A 703 -3.58 -5.85 24.74
N GLY A 704 -3.14 -5.32 25.89
CA GLY A 704 -3.75 -4.14 26.51
C GLY A 704 -2.84 -2.93 26.43
N VAL A 705 -3.20 -1.90 27.17
CA VAL A 705 -2.51 -0.56 27.17
C VAL A 705 -1.85 -0.39 28.55
N ARG A 706 -0.72 0.30 28.61
CA ARG A 706 0.02 0.60 29.86
C ARG A 706 -0.82 1.56 30.74
N SER A 707 -0.81 1.28 32.04
CA SER A 707 -1.54 2.06 33.07
C SER A 707 -0.72 3.31 33.43
N HIS A 708 0.57 3.11 33.70
CA HIS A 708 1.61 4.16 33.90
C HIS A 708 2.62 4.03 32.77
N GLY A 709 3.12 5.15 32.26
CA GLY A 709 4.05 5.18 31.14
C GLY A 709 3.39 5.71 29.88
N ASP A 710 3.97 5.43 28.73
CA ASP A 710 3.42 5.91 27.43
C ASP A 710 2.23 5.03 27.04
N ARG A 711 1.12 5.68 26.70
CA ARG A 711 -0.16 5.11 26.22
C ARG A 711 -0.10 4.83 24.71
N SER A 712 -0.49 3.62 24.30
CA SER A 712 -0.74 3.24 22.89
C SER A 712 -1.79 4.18 22.27
N GLY A 713 -1.61 4.58 21.01
CA GLY A 713 -2.57 5.44 20.27
C GLY A 713 -2.71 5.01 18.81
N ALA A 714 -3.18 5.90 17.92
CA ALA A 714 -3.32 5.64 16.47
C ALA A 714 -1.97 5.24 15.87
N TYR A 715 -0.86 5.79 16.36
CA TYR A 715 0.53 5.60 15.85
C TYR A 715 1.30 4.53 16.61
N LEU A 716 1.31 4.65 17.94
CA LEU A 716 2.23 3.85 18.81
C LEU A 716 1.54 2.57 19.29
N PHE A 717 2.28 1.46 19.26
CA PHE A 717 1.96 0.17 19.91
C PHE A 717 2.86 0.04 21.16
N LEU A 718 2.25 0.26 22.33
CA LEU A 718 2.93 0.19 23.67
C LEU A 718 2.19 -0.81 24.55
N PRO A 719 2.35 -2.12 24.28
CA PRO A 719 1.67 -3.17 25.04
C PRO A 719 2.17 -3.26 26.49
N ASN A 720 1.27 -3.55 27.45
CA ASN A 720 1.63 -3.99 28.83
C ASN A 720 2.00 -5.48 28.80
N GLY A 721 3.15 -5.83 28.22
CA GLY A 721 3.70 -7.19 28.15
C GLY A 721 2.94 -8.10 27.19
N PRO A 722 3.38 -9.38 27.06
CA PRO A 722 2.86 -10.32 26.06
C PRO A 722 1.33 -10.43 26.02
N ALA A 723 0.78 -10.81 24.87
CA ALA A 723 -0.69 -11.01 24.69
C ALA A 723 -1.15 -12.16 25.58
N SER A 724 -2.37 -12.05 26.14
CA SER A 724 -3.03 -13.05 27.01
C SER A 724 -4.24 -13.65 26.27
N PRO A 725 -4.38 -15.00 26.22
CA PRO A 725 -5.49 -15.65 25.49
C PRO A 725 -6.90 -15.11 25.80
N VAL A 726 -7.79 -15.15 24.79
CA VAL A 726 -9.21 -14.68 24.85
C VAL A 726 -10.07 -15.87 25.30
N GLU A 727 -10.92 -15.69 26.31
CA GLU A 727 -11.84 -16.76 26.80
C GLU A 727 -12.91 -16.96 25.73
N LEU A 728 -12.87 -18.10 25.05
CA LEU A 728 -13.80 -18.47 23.94
C LEU A 728 -15.12 -19.02 24.52
N GLY A 729 -15.08 -19.60 25.72
CA GLY A 729 -16.22 -20.27 26.36
C GLY A 729 -16.57 -21.56 25.62
N GLN A 730 -17.87 -21.86 25.50
CA GLN A 730 -18.45 -22.88 24.57
C GLN A 730 -19.06 -22.10 23.41
N PRO A 731 -18.32 -21.91 22.30
CA PRO A 731 -18.85 -21.17 21.16
C PRO A 731 -19.60 -22.11 20.22
N VAL A 732 -20.61 -21.60 19.55
CA VAL A 732 -21.39 -22.35 18.52
C VAL A 732 -20.53 -22.46 17.26
N VAL A 733 -20.19 -23.69 16.85
CA VAL A 733 -19.33 -24.03 15.68
C VAL A 733 -20.25 -24.59 14.57
N LEU A 734 -20.37 -23.89 13.45
CA LEU A 734 -21.14 -24.32 12.25
C LEU A 734 -20.18 -24.96 11.25
N VAL A 735 -20.50 -26.16 10.77
CA VAL A 735 -19.68 -26.91 9.75
C VAL A 735 -20.56 -27.15 8.53
N THR A 736 -20.16 -26.64 7.37
CA THR A 736 -20.83 -26.85 6.08
C THR A 736 -19.89 -27.70 5.23
N LYS A 737 -20.39 -28.80 4.64
CA LYS A 737 -19.51 -29.76 3.92
C LYS A 737 -20.06 -30.02 2.53
N GLY A 738 -19.24 -29.82 1.48
CA GLY A 738 -19.68 -29.94 0.08
C GLY A 738 -18.61 -30.54 -0.84
N LYS A 739 -19.05 -31.02 -1.97
CA LYS A 739 -18.17 -31.53 -3.05
C LYS A 739 -17.15 -30.46 -3.47
N LEU A 740 -17.54 -29.18 -3.59
CA LEU A 740 -16.70 -28.10 -4.18
C LEU A 740 -16.15 -27.17 -3.09
N GLU A 741 -16.90 -26.95 -2.01
CA GLU A 741 -16.49 -26.03 -0.94
C GLU A 741 -17.06 -26.50 0.39
N SER A 742 -16.22 -26.64 1.41
CA SER A 742 -16.63 -26.81 2.82
C SER A 742 -15.99 -25.69 3.64
N SER A 743 -16.55 -25.42 4.81
CA SER A 743 -16.09 -24.37 5.73
C SER A 743 -16.45 -24.76 7.17
N VAL A 744 -15.66 -24.30 8.13
CA VAL A 744 -15.90 -24.29 9.60
C VAL A 744 -15.94 -22.83 10.07
N SER A 745 -17.04 -22.42 10.70
CA SER A 745 -17.28 -21.07 11.24
C SER A 745 -17.60 -21.17 12.72
N VAL A 746 -17.11 -20.23 13.54
CA VAL A 746 -17.42 -20.14 14.99
C VAL A 746 -17.58 -18.66 15.39
N GLY A 747 -18.58 -18.36 16.24
CA GLY A 747 -18.82 -17.03 16.81
C GLY A 747 -18.04 -16.86 18.09
N LEU A 748 -16.79 -16.40 17.99
CA LEU A 748 -15.93 -16.10 19.16
C LEU A 748 -16.27 -14.70 19.65
N PRO A 749 -15.89 -14.29 20.89
CA PRO A 749 -16.14 -12.91 21.32
C PRO A 749 -15.34 -11.97 20.40
N SER A 750 -16.02 -11.05 19.71
CA SER A 750 -15.44 -9.99 18.82
C SER A 750 -15.10 -10.53 17.41
N VAL A 751 -15.13 -11.84 17.15
CA VAL A 751 -14.65 -12.41 15.86
C VAL A 751 -15.52 -13.59 15.45
N VAL A 752 -16.20 -13.49 14.32
CA VAL A 752 -16.69 -14.70 13.58
C VAL A 752 -15.53 -15.21 12.73
N HIS A 753 -14.90 -16.30 13.18
CA HIS A 753 -13.74 -16.96 12.55
C HIS A 753 -14.26 -17.99 11.56
N GLN A 754 -13.66 -18.07 10.37
CA GLN A 754 -14.13 -19.00 9.32
C GLN A 754 -12.95 -19.57 8.54
N THR A 755 -12.93 -20.89 8.35
CA THR A 755 -11.93 -21.61 7.51
C THR A 755 -12.65 -22.22 6.32
N ILE A 756 -12.34 -21.75 5.12
CA ILE A 756 -13.03 -22.18 3.88
C ILE A 756 -12.03 -23.02 3.10
N MET A 757 -12.53 -24.11 2.51
CA MET A 757 -11.74 -25.13 1.80
C MET A 757 -12.38 -25.37 0.44
N ARG A 758 -11.57 -25.20 -0.60
CA ARG A 758 -11.97 -25.44 -2.01
C ARG A 758 -10.94 -26.32 -2.70
N GLY A 759 -10.05 -27.00 -1.97
CA GLY A 759 -9.17 -28.02 -2.58
C GLY A 759 -7.74 -27.54 -2.74
N GLY A 760 -7.38 -26.47 -2.06
CA GLY A 760 -5.98 -26.06 -1.97
C GLY A 760 -5.72 -25.44 -0.63
N ALA A 761 -4.84 -24.43 -0.60
CA ALA A 761 -4.59 -23.62 0.61
C ALA A 761 -5.94 -23.09 1.07
N PRO A 762 -6.32 -23.29 2.34
CA PRO A 762 -7.60 -22.77 2.81
C PRO A 762 -7.58 -21.24 2.83
N GLU A 763 -8.78 -20.65 2.92
CA GLU A 763 -9.02 -19.19 3.04
C GLU A 763 -9.59 -18.96 4.43
N ILE A 764 -9.02 -18.00 5.15
CA ILE A 764 -9.48 -17.59 6.50
C ILE A 764 -10.26 -16.27 6.37
N ARG A 765 -11.45 -16.20 6.97
CA ARG A 765 -12.22 -14.95 7.09
C ARG A 765 -12.52 -14.68 8.55
N ASN A 766 -12.16 -13.48 9.01
CA ASN A 766 -12.52 -12.96 10.36
C ASN A 766 -13.47 -11.79 10.15
N LEU A 767 -14.73 -11.91 10.60
CA LEU A 767 -15.61 -10.74 10.80
C LEU A 767 -15.25 -10.13 12.17
N VAL A 768 -14.56 -8.98 12.18
CA VAL A 768 -13.92 -8.41 13.40
C VAL A 768 -14.77 -7.25 13.89
N ASP A 769 -15.44 -7.46 15.02
CA ASP A 769 -16.27 -6.45 15.71
C ASP A 769 -15.72 -6.30 17.14
N ILE A 770 -14.87 -5.30 17.37
CA ILE A 770 -14.13 -5.10 18.65
C ILE A 770 -15.09 -4.40 19.62
N GLY A 771 -16.22 -3.91 19.13
CA GLY A 771 -17.36 -3.42 19.94
C GLY A 771 -17.00 -2.18 20.72
N SER A 772 -16.87 -2.29 22.05
CA SER A 772 -16.22 -1.24 22.87
C SER A 772 -15.34 -1.86 23.97
N LEU A 773 -14.56 -2.90 23.62
CA LEU A 773 -13.44 -3.43 24.44
C LEU A 773 -12.29 -2.42 24.42
N ASP A 774 -12.45 -1.29 25.12
CA ASP A 774 -11.47 -0.17 25.15
C ASP A 774 -10.11 -0.73 25.60
N ASN A 775 -9.04 -0.12 25.09
CA ASN A 775 -7.63 -0.43 25.45
C ASN A 775 -7.35 -1.90 25.21
N THR A 776 -7.82 -2.40 24.06
CA THR A 776 -7.62 -3.78 23.57
C THR A 776 -7.17 -3.80 22.11
N GLU A 777 -6.15 -4.60 21.82
CA GLU A 777 -5.72 -5.01 20.47
C GLU A 777 -5.94 -6.53 20.36
N ILE A 778 -6.83 -6.96 19.46
CA ILE A 778 -7.07 -8.39 19.14
C ILE A 778 -6.03 -8.83 18.10
N VAL A 779 -5.28 -9.88 18.42
CA VAL A 779 -4.28 -10.50 17.51
C VAL A 779 -4.74 -11.93 17.18
N MET A 780 -4.32 -12.42 16.01
CA MET A 780 -4.51 -13.82 15.57
C MET A 780 -3.11 -14.42 15.42
N ARG A 781 -2.83 -15.51 16.17
CA ARG A 781 -1.51 -16.21 16.17
C ARG A 781 -1.67 -17.61 15.59
N LEU A 782 -0.63 -18.08 14.91
CA LEU A 782 -0.45 -19.45 14.41
C LEU A 782 0.73 -20.06 15.17
N GLU A 783 0.55 -21.23 15.80
CA GLU A 783 1.60 -21.97 16.56
C GLU A 783 1.90 -23.26 15.80
N THR A 784 3.17 -23.46 15.45
CA THR A 784 3.69 -24.62 14.70
C THR A 784 4.91 -25.17 15.45
N HIS A 785 5.49 -26.26 14.96
CA HIS A 785 6.78 -26.85 15.40
C HIS A 785 7.84 -26.44 14.39
N ILE A 786 7.51 -25.52 13.45
CA ILE A 786 8.51 -25.05 12.45
C ILE A 786 9.69 -24.44 13.22
N ASP A 787 10.91 -24.85 12.89
CA ASP A 787 12.16 -24.46 13.61
C ASP A 787 12.68 -23.17 12.96
N SER A 788 11.91 -22.08 13.06
CA SER A 788 12.20 -20.78 12.40
C SER A 788 13.35 -20.08 13.14
N GLY A 789 13.31 -20.17 14.47
CA GLY A 789 14.28 -19.52 15.37
C GLY A 789 13.88 -18.07 15.62
N ASP A 790 14.70 -17.15 15.14
CA ASP A 790 14.50 -15.68 15.33
C ASP A 790 14.19 -15.05 13.97
N ILE A 791 14.17 -15.87 12.91
CA ILE A 791 13.94 -15.45 11.50
C ILE A 791 12.42 -15.51 11.21
N PHE A 792 11.90 -14.44 10.62
CA PHE A 792 10.60 -14.47 9.89
C PHE A 792 10.75 -13.54 8.67
N TYR A 793 9.80 -13.62 7.75
CA TYR A 793 9.75 -12.81 6.51
C TYR A 793 8.41 -12.09 6.43
N THR A 794 8.46 -10.84 6.02
CA THR A 794 7.29 -9.93 5.79
C THR A 794 7.54 -9.21 4.47
N ASP A 795 6.48 -8.81 3.79
CA ASP A 795 6.66 -8.17 2.46
C ASP A 795 6.72 -6.64 2.68
N LEU A 796 7.22 -5.94 1.66
CA LEU A 796 7.16 -4.46 1.58
C LEU A 796 6.31 -4.11 0.36
N ASN A 797 5.16 -3.48 0.61
CA ASN A 797 4.24 -2.91 -0.40
C ASN A 797 3.80 -3.98 -1.41
N GLY A 798 3.76 -5.25 -1.02
CA GLY A 798 3.34 -6.35 -1.90
C GLY A 798 4.24 -6.56 -3.10
N LEU A 799 5.51 -6.14 -3.04
CA LEU A 799 6.53 -6.19 -4.14
C LEU A 799 7.64 -7.21 -3.83
N GLN A 800 8.09 -7.28 -2.57
CA GLN A 800 9.32 -8.03 -2.17
C GLN A 800 9.13 -8.52 -0.74
N PHE A 801 9.75 -9.65 -0.41
CA PHE A 801 9.77 -10.23 0.95
C PHE A 801 11.18 -10.01 1.50
N ILE A 802 11.25 -9.48 2.71
CA ILE A 802 12.49 -9.06 3.42
C ILE A 802 12.64 -9.93 4.67
N LYS A 803 13.86 -10.40 4.95
CA LYS A 803 14.17 -11.23 6.13
C LYS A 803 14.10 -10.32 7.36
N ARG A 804 13.31 -10.71 8.37
CA ARG A 804 13.30 -10.06 9.70
C ARG A 804 14.05 -10.96 10.68
N ARG A 805 14.71 -10.37 11.68
CA ARG A 805 15.26 -11.12 12.84
C ARG A 805 14.65 -10.49 14.07
N ARG A 806 13.85 -11.27 14.80
CA ARG A 806 13.38 -10.93 16.16
C ARG A 806 14.61 -10.57 17.00
N LEU A 807 14.59 -9.42 17.68
CA LEU A 807 15.69 -8.92 18.55
C LEU A 807 15.15 -8.80 19.97
N ASP A 808 15.58 -9.72 20.83
CA ASP A 808 15.18 -9.74 22.26
C ASP A 808 15.71 -8.46 22.91
N LYS A 809 16.78 -7.87 22.39
CA LYS A 809 17.31 -6.57 22.93
C LYS A 809 16.29 -5.43 22.70
N LEU A 810 15.32 -5.57 21.78
CA LEU A 810 14.30 -4.51 21.53
C LEU A 810 12.98 -4.92 22.14
N PRO A 811 12.16 -3.94 22.58
CA PRO A 811 10.87 -4.24 23.14
C PRO A 811 9.98 -4.87 22.05
N LEU A 812 8.84 -5.39 22.48
CA LEU A 812 7.94 -6.25 21.68
C LEU A 812 7.48 -5.47 20.41
N GLN A 813 7.04 -4.24 20.60
CA GLN A 813 6.49 -3.34 19.54
C GLN A 813 7.51 -3.10 18.41
N ALA A 814 8.81 -3.29 18.63
CA ALA A 814 9.89 -3.06 17.63
C ALA A 814 10.07 -4.30 16.77
N ASN A 815 9.54 -5.43 17.24
CA ASN A 815 9.55 -6.70 16.51
C ASN A 815 8.30 -6.82 15.61
N TYR A 816 7.33 -5.93 15.78
CA TYR A 816 6.15 -5.77 14.89
C TYR A 816 6.60 -5.00 13.66
N TYR A 817 6.18 -5.49 12.49
CA TYR A 817 6.51 -4.96 11.14
C TYR A 817 5.22 -4.85 10.32
N PRO A 818 5.22 -4.04 9.23
CA PRO A 818 4.09 -4.02 8.32
C PRO A 818 3.92 -5.40 7.69
N ILE A 819 2.67 -5.84 7.56
CA ILE A 819 2.26 -7.01 6.76
C ILE A 819 1.34 -6.54 5.65
N PRO A 820 1.86 -5.78 4.66
CA PRO A 820 1.05 -5.28 3.56
C PRO A 820 0.35 -6.38 2.74
N SER A 821 1.00 -7.53 2.47
CA SER A 821 0.35 -8.64 1.72
C SER A 821 0.75 -10.05 2.19
N GLY A 822 1.77 -10.22 3.03
CA GLY A 822 2.10 -11.56 3.53
C GLY A 822 3.29 -11.65 4.47
N MET A 823 3.36 -12.78 5.17
CA MET A 823 4.42 -13.11 6.12
C MET A 823 4.66 -14.64 6.07
N PHE A 824 5.87 -15.08 6.41
CA PHE A 824 6.20 -16.52 6.44
C PHE A 824 7.39 -16.82 7.34
N ILE A 825 7.41 -18.08 7.76
CA ILE A 825 8.47 -18.73 8.58
C ILE A 825 8.83 -20.04 7.87
N GLU A 826 10.05 -20.51 8.09
CA GLU A 826 10.54 -21.76 7.48
C GLU A 826 11.78 -22.25 8.20
N ASP A 827 11.86 -23.57 8.37
CA ASP A 827 13.11 -24.31 8.68
C ASP A 827 13.59 -24.99 7.40
N ALA A 828 14.31 -26.10 7.50
CA ALA A 828 14.96 -26.75 6.34
C ALA A 828 13.91 -27.50 5.51
N ASN A 829 12.77 -27.84 6.12
CA ASN A 829 11.78 -28.79 5.54
C ASN A 829 10.44 -28.10 5.27
N THR A 830 9.90 -27.37 6.25
CA THR A 830 8.52 -26.82 6.28
C THR A 830 8.50 -25.28 6.21
N ARG A 831 7.57 -24.72 5.42
CA ARG A 831 7.22 -23.28 5.42
C ARG A 831 5.74 -23.12 5.75
N LEU A 832 5.41 -22.10 6.54
CA LEU A 832 4.03 -21.61 6.68
C LEU A 832 4.01 -20.17 6.17
N THR A 833 3.20 -19.88 5.16
CA THR A 833 2.98 -18.51 4.62
C THR A 833 1.53 -18.09 4.89
N LEU A 834 1.35 -16.93 5.52
CA LEU A 834 0.02 -16.28 5.62
C LEU A 834 -0.02 -15.10 4.64
N LEU A 835 -0.94 -15.16 3.67
CA LEU A 835 -1.24 -14.07 2.70
C LEU A 835 -2.45 -13.28 3.22
N THR A 836 -2.42 -11.95 3.11
CA THR A 836 -3.51 -11.05 3.61
C THR A 836 -4.19 -10.35 2.43
N GLY A 837 -5.50 -10.06 2.59
CA GLY A 837 -6.27 -9.20 1.68
C GLY A 837 -6.23 -7.73 2.12
N GLN A 838 -5.39 -7.41 3.10
CA GLN A 838 -5.39 -6.07 3.73
C GLN A 838 -4.11 -5.90 4.50
N PRO A 839 -3.57 -4.66 4.60
CA PRO A 839 -2.35 -4.42 5.32
C PRO A 839 -2.67 -4.39 6.81
N LEU A 840 -1.90 -5.13 7.60
CA LEU A 840 -2.07 -5.22 9.09
C LEU A 840 -0.69 -5.36 9.74
N GLY A 841 -0.56 -5.09 11.03
CA GLY A 841 0.72 -5.27 11.75
C GLY A 841 0.91 -6.70 12.20
N GLY A 842 2.15 -7.19 12.26
CA GLY A 842 2.43 -8.59 12.62
C GLY A 842 3.87 -8.85 13.03
N SER A 843 4.12 -10.03 13.60
CA SER A 843 5.48 -10.49 14.00
C SER A 843 5.55 -12.01 13.99
N SER A 844 6.75 -12.53 14.29
CA SER A 844 7.01 -13.89 14.83
C SER A 844 7.71 -13.69 16.17
N LEU A 845 6.96 -13.63 17.28
CA LEU A 845 7.51 -13.35 18.64
C LEU A 845 8.13 -14.60 19.30
N ALA A 846 8.20 -15.75 18.61
CA ALA A 846 8.86 -17.00 19.07
C ALA A 846 8.92 -17.99 17.91
N SER A 847 9.84 -18.95 17.98
CA SER A 847 10.05 -20.00 16.94
C SER A 847 8.70 -20.63 16.58
N GLY A 848 8.47 -20.88 15.28
CA GLY A 848 7.22 -21.46 14.74
C GLY A 848 5.93 -20.68 15.04
N GLU A 849 6.01 -19.38 15.34
CA GLU A 849 4.79 -18.53 15.49
C GLU A 849 4.69 -17.55 14.31
N LEU A 850 3.45 -17.23 13.90
CA LEU A 850 3.09 -15.98 13.15
C LEU A 850 1.98 -15.31 13.92
N GLU A 851 2.01 -13.99 14.03
CA GLU A 851 0.82 -13.25 14.53
C GLU A 851 0.62 -11.98 13.69
N ILE A 852 -0.63 -11.59 13.57
CA ILE A 852 -1.11 -10.43 12.79
C ILE A 852 -2.26 -9.82 13.57
N MET A 853 -2.20 -8.51 13.81
CA MET A 853 -3.23 -7.76 14.56
C MET A 853 -4.47 -7.58 13.68
N GLN A 854 -5.67 -7.62 14.29
CA GLN A 854 -6.97 -7.61 13.57
C GLN A 854 -7.64 -6.25 13.75
N ASP A 855 -7.58 -5.73 14.96
CA ASP A 855 -8.15 -4.41 15.28
C ASP A 855 -7.64 -3.94 16.63
N ARG A 856 -7.77 -2.64 16.88
CA ARG A 856 -7.25 -1.96 18.08
C ARG A 856 -8.19 -0.81 18.40
N ARG A 857 -8.55 -0.71 19.68
CA ARG A 857 -9.45 0.32 20.25
C ARG A 857 -8.68 0.92 21.44
N LEU A 858 -8.45 2.23 21.42
CA LEU A 858 -7.50 2.89 22.34
C LEU A 858 -8.16 4.16 22.83
N ALA A 859 -8.39 4.25 24.14
CA ALA A 859 -9.10 5.37 24.78
C ALA A 859 -8.22 6.62 24.72
N SER A 860 -6.89 6.44 24.73
CA SER A 860 -5.87 7.51 24.96
C SER A 860 -5.23 7.98 23.64
N ASP A 861 -4.96 9.28 23.53
CA ASP A 861 -4.08 9.91 22.49
C ASP A 861 -2.63 9.47 22.76
N ASP A 862 -1.80 9.39 21.72
CA ASP A 862 -0.37 9.02 21.87
C ASP A 862 0.53 10.23 21.60
N GLU A 863 -0.04 11.43 21.60
CA GLU A 863 0.68 12.72 21.76
C GLU A 863 1.55 12.98 20.53
N ARG A 864 1.08 12.57 19.34
CA ARG A 864 1.74 12.88 18.03
C ARG A 864 0.89 13.87 17.22
N GLY A 865 -0.15 14.46 17.83
CA GLY A 865 -0.89 15.60 17.26
C GLY A 865 -2.24 15.24 16.69
N LEU A 866 -2.63 13.95 16.68
CA LEU A 866 -3.99 13.51 16.27
C LEU A 866 -5.04 14.04 17.27
N GLY A 867 -4.72 14.12 18.57
CA GLY A 867 -5.58 14.70 19.62
C GLY A 867 -6.84 13.86 19.89
N GLN A 868 -6.74 12.54 19.79
CA GLN A 868 -7.81 11.57 20.10
C GLN A 868 -7.17 10.18 20.10
N GLY A 869 -7.81 9.19 20.70
CA GLY A 869 -7.46 7.79 20.52
C GLY A 869 -8.19 7.21 19.33
N VAL A 870 -8.34 5.89 19.29
CA VAL A 870 -9.06 5.16 18.22
C VAL A 870 -10.29 4.51 18.87
N LEU A 871 -11.45 5.15 18.70
CA LEU A 871 -12.74 4.76 19.32
C LEU A 871 -13.84 4.77 18.26
N ASP A 872 -13.47 4.63 16.98
CA ASP A 872 -14.43 4.71 15.84
C ASP A 872 -14.39 3.36 15.11
N ASN A 873 -14.02 2.29 15.81
CA ASN A 873 -13.91 0.94 15.20
C ASN A 873 -15.24 0.56 14.56
N LYS A 874 -15.21 -0.34 13.61
CA LYS A 874 -16.44 -0.83 12.93
C LYS A 874 -16.13 -2.21 12.35
N PRO A 875 -17.17 -3.07 12.22
CA PRO A 875 -16.99 -4.41 11.68
C PRO A 875 -16.20 -4.36 10.35
N VAL A 876 -15.17 -5.19 10.24
CA VAL A 876 -14.41 -5.41 8.97
C VAL A 876 -14.33 -6.92 8.73
N LEU A 877 -14.40 -7.33 7.47
CA LEU A 877 -14.15 -8.72 7.06
C LEU A 877 -12.73 -8.80 6.53
N HIS A 878 -11.82 -9.33 7.35
CA HIS A 878 -10.41 -9.64 7.00
C HIS A 878 -10.36 -10.98 6.26
N ILE A 879 -9.54 -11.08 5.21
CA ILE A 879 -9.42 -12.31 4.37
C ILE A 879 -7.93 -12.71 4.26
N TYR A 880 -7.65 -14.01 4.24
CA TYR A 880 -6.28 -14.57 4.29
C TYR A 880 -6.23 -15.84 3.45
N ARG A 881 -5.04 -16.24 3.03
CA ARG A 881 -4.79 -17.64 2.56
C ARG A 881 -3.68 -18.24 3.44
N LEU A 882 -3.79 -19.54 3.79
CA LEU A 882 -2.80 -20.25 4.66
C LEU A 882 -2.13 -21.38 3.86
N VAL A 883 -0.85 -21.23 3.55
CA VAL A 883 -0.06 -22.13 2.68
C VAL A 883 1.02 -22.80 3.53
N LEU A 884 0.70 -23.97 4.09
CA LEU A 884 1.70 -24.95 4.61
C LEU A 884 2.28 -25.72 3.43
N GLU A 885 3.60 -25.77 3.27
CA GLU A 885 4.25 -26.53 2.17
C GLU A 885 5.66 -26.99 2.58
N LYS A 886 6.19 -27.98 1.85
CA LYS A 886 7.55 -28.59 2.05
C LYS A 886 8.51 -27.84 1.15
N VAL A 887 9.66 -27.42 1.66
CA VAL A 887 10.64 -26.57 0.91
C VAL A 887 12.00 -27.27 0.80
N ASN A 888 12.17 -28.46 1.40
CA ASN A 888 13.40 -29.29 1.32
C ASN A 888 13.85 -29.44 -0.16
N ASN A 889 12.95 -29.41 -1.12
CA ASN A 889 13.25 -29.60 -2.57
C ASN A 889 13.25 -28.27 -3.32
N CYS A 890 13.22 -27.15 -2.59
CA CYS A 890 13.18 -25.79 -3.18
C CYS A 890 14.60 -25.22 -3.12
N VAL A 891 15.02 -24.55 -4.19
CA VAL A 891 16.29 -23.76 -4.24
C VAL A 891 16.06 -22.45 -3.47
N ARG A 892 16.56 -22.40 -2.24
CA ARG A 892 16.37 -21.26 -1.31
C ARG A 892 17.58 -20.36 -1.39
N PRO A 893 17.44 -19.04 -1.18
CA PRO A 893 18.60 -18.14 -1.19
C PRO A 893 19.63 -18.56 -0.12
N SER A 894 20.89 -18.11 -0.28
CA SER A 894 21.96 -18.18 0.75
C SER A 894 21.39 -17.81 2.12
N GLU A 895 21.92 -18.40 3.20
CA GLU A 895 21.61 -18.02 4.60
C GLU A 895 21.95 -16.53 4.85
N LEU A 896 22.74 -15.93 3.95
CA LEU A 896 23.22 -14.51 4.05
C LEU A 896 22.44 -13.58 3.11
N HIS A 897 21.45 -14.07 2.35
CA HIS A 897 20.61 -13.22 1.47
C HIS A 897 19.57 -12.51 2.35
N PRO A 898 19.37 -11.17 2.21
CA PRO A 898 18.43 -10.45 3.06
C PRO A 898 16.95 -10.61 2.62
N ALA A 899 16.71 -11.32 1.51
CA ALA A 899 15.39 -11.46 0.86
C ALA A 899 14.88 -12.91 1.01
N GLY A 900 13.55 -13.05 0.93
CA GLY A 900 12.84 -14.32 0.73
C GLY A 900 12.00 -14.22 -0.52
N TYR A 901 11.51 -15.36 -1.04
CA TYR A 901 10.64 -15.42 -2.24
C TYR A 901 9.52 -16.43 -2.01
N LEU A 902 8.32 -16.12 -2.51
CA LEU A 902 7.16 -17.03 -2.41
C LEU A 902 7.38 -18.21 -3.35
N THR A 903 6.76 -19.33 -3.00
CA THR A 903 6.39 -20.42 -3.93
C THR A 903 5.27 -19.96 -4.87
N SER A 904 5.21 -20.55 -6.06
CA SER A 904 4.04 -20.56 -6.98
C SER A 904 2.71 -20.61 -6.21
N ALA A 905 2.51 -21.60 -5.33
CA ALA A 905 1.22 -21.76 -4.61
C ALA A 905 0.91 -20.50 -3.78
N ALA A 906 1.89 -19.94 -3.04
CA ALA A 906 1.68 -18.75 -2.17
C ALA A 906 1.52 -17.48 -3.02
N HIS A 907 2.25 -17.35 -4.13
CA HIS A 907 2.05 -16.23 -5.08
C HIS A 907 0.61 -16.24 -5.62
N LYS A 908 0.16 -17.40 -6.13
CA LYS A 908 -1.19 -17.56 -6.72
C LYS A 908 -2.24 -17.30 -5.65
N ALA A 909 -1.99 -17.76 -4.43
CA ALA A 909 -2.88 -17.49 -3.27
C ALA A 909 -2.99 -15.98 -2.96
N SER A 910 -1.89 -15.22 -3.07
CA SER A 910 -1.92 -13.74 -2.88
C SER A 910 -2.74 -13.15 -4.03
N GLN A 911 -2.50 -13.61 -5.24
CA GLN A 911 -3.21 -13.14 -6.45
C GLN A 911 -4.72 -13.38 -6.27
N SER A 912 -5.12 -14.53 -5.73
CA SER A 912 -6.56 -14.82 -5.53
C SER A 912 -7.14 -13.89 -4.44
N LEU A 913 -6.34 -13.35 -3.51
CA LEU A 913 -6.83 -12.35 -2.52
C LEU A 913 -6.91 -10.96 -3.15
N LEU A 914 -5.90 -10.54 -3.90
CA LEU A 914 -5.77 -9.11 -4.28
C LEU A 914 -6.53 -8.84 -5.59
N ASP A 915 -6.53 -9.79 -6.52
CA ASP A 915 -7.14 -9.64 -7.86
C ASP A 915 -7.91 -10.91 -8.19
N PRO A 916 -9.03 -11.17 -7.47
CA PRO A 916 -9.93 -12.26 -7.79
C PRO A 916 -10.67 -12.01 -9.11
N LEU A 917 -11.42 -13.00 -9.56
CA LEU A 917 -12.40 -12.84 -10.68
C LEU A 917 -13.46 -11.84 -10.22
N ASP A 918 -13.83 -10.95 -11.12
CA ASP A 918 -14.97 -10.01 -10.98
C ASP A 918 -16.22 -10.77 -11.43
N LYS A 919 -17.37 -10.48 -10.82
CA LYS A 919 -18.66 -11.15 -11.12
C LYS A 919 -19.68 -10.07 -11.50
N PHE A 920 -20.37 -10.32 -12.62
CA PHE A 920 -21.39 -9.44 -13.23
C PHE A 920 -22.68 -10.24 -13.41
N ILE A 921 -23.77 -9.72 -12.86
CA ILE A 921 -25.15 -10.23 -13.00
C ILE A 921 -25.86 -9.30 -14.00
N PHE A 922 -26.23 -9.81 -15.16
CA PHE A 922 -27.01 -9.08 -16.17
C PHE A 922 -28.31 -8.58 -15.51
N ALA A 923 -28.60 -7.29 -15.73
CA ALA A 923 -29.65 -6.56 -15.00
C ALA A 923 -31.02 -6.87 -15.62
N GLU A 924 -31.10 -6.98 -16.95
CA GLU A 924 -32.38 -7.09 -17.69
C GLU A 924 -32.79 -8.56 -17.75
N ASN A 925 -34.08 -8.79 -18.04
CA ASN A 925 -34.69 -10.13 -18.24
C ASN A 925 -33.95 -10.87 -19.35
N GLU A 926 -33.51 -10.17 -20.41
CA GLU A 926 -32.99 -10.83 -21.65
C GLU A 926 -31.82 -10.03 -22.26
N TRP A 927 -30.87 -10.74 -22.84
CA TRP A 927 -29.57 -10.22 -23.35
C TRP A 927 -29.39 -10.70 -24.80
N ILE A 928 -29.96 -9.94 -25.74
CA ILE A 928 -29.81 -10.20 -27.21
C ILE A 928 -28.36 -9.83 -27.56
N GLY A 929 -27.69 -10.67 -28.34
CA GLY A 929 -26.32 -10.43 -28.85
C GLY A 929 -25.27 -11.15 -28.03
N ALA A 930 -25.66 -11.68 -26.86
CA ALA A 930 -24.78 -12.24 -25.81
C ALA A 930 -23.75 -13.19 -26.44
N GLN A 931 -22.49 -13.03 -26.08
CA GLN A 931 -21.42 -13.99 -26.46
C GLN A 931 -20.87 -14.63 -25.19
N GLY A 932 -20.19 -15.76 -25.36
CA GLY A 932 -19.85 -16.69 -24.26
C GLY A 932 -18.48 -16.40 -23.67
N GLN A 933 -17.64 -15.66 -24.40
CA GLN A 933 -16.19 -15.52 -24.11
C GLN A 933 -15.64 -14.23 -24.74
N PHE A 934 -14.67 -13.62 -24.06
CA PHE A 934 -13.73 -12.61 -24.62
C PHE A 934 -12.32 -12.95 -24.15
N GLY A 935 -11.35 -12.87 -25.05
CA GLY A 935 -9.92 -13.00 -24.74
C GLY A 935 -9.42 -14.42 -24.94
N GLY A 936 -10.18 -15.26 -25.63
CA GLY A 936 -9.80 -16.65 -25.93
C GLY A 936 -8.43 -16.74 -26.58
N ASP A 937 -8.09 -15.75 -27.41
CA ASP A 937 -6.84 -15.72 -28.22
C ASP A 937 -5.68 -15.09 -27.44
N HIS A 938 -5.96 -14.38 -26.33
CA HIS A 938 -4.95 -13.66 -25.47
C HIS A 938 -3.91 -14.65 -24.95
N PRO A 939 -2.60 -14.31 -25.01
CA PRO A 939 -1.55 -15.21 -24.51
C PRO A 939 -1.67 -15.43 -23.00
N SER A 940 -1.41 -16.65 -22.57
CA SER A 940 -1.41 -17.11 -21.14
C SER A 940 0.02 -17.11 -20.62
N ALA A 941 0.46 -16.01 -19.99
CA ALA A 941 1.88 -15.76 -19.67
C ALA A 941 2.28 -16.59 -18.47
N ARG A 942 3.58 -16.89 -18.37
CA ARG A 942 4.20 -17.57 -17.20
C ARG A 942 3.64 -17.00 -15.89
N GLU A 943 3.56 -17.86 -14.88
CA GLU A 943 2.80 -17.58 -13.63
C GLU A 943 3.43 -16.40 -12.88
N ASP A 944 4.69 -16.09 -13.15
CA ASP A 944 5.48 -15.11 -12.37
C ASP A 944 5.31 -13.73 -12.98
N LEU A 945 4.64 -13.62 -14.14
CA LEU A 945 4.47 -12.34 -14.87
C LEU A 945 3.04 -11.79 -14.67
N ASP A 946 2.92 -10.48 -14.49
CA ASP A 946 1.60 -9.82 -14.31
C ASP A 946 1.56 -8.58 -15.18
N VAL A 947 0.41 -8.32 -15.80
CA VAL A 947 0.08 -6.98 -16.33
C VAL A 947 -0.59 -6.22 -15.19
N SER A 948 0.23 -5.64 -14.32
CA SER A 948 -0.18 -4.77 -13.19
C SER A 948 -1.14 -3.67 -13.65
N VAL A 949 -0.80 -3.00 -14.75
CA VAL A 949 -1.57 -1.85 -15.32
C VAL A 949 -1.81 -2.06 -16.82
N MET A 950 -3.06 -1.91 -17.25
CA MET A 950 -3.38 -1.60 -18.67
C MET A 950 -4.23 -0.33 -18.65
N ARG A 951 -3.79 0.71 -19.36
CA ARG A 951 -4.48 2.03 -19.31
C ARG A 951 -4.38 2.71 -20.67
N ARG A 952 -5.51 3.03 -21.28
CA ARG A 952 -5.49 3.78 -22.56
C ARG A 952 -5.11 5.22 -22.21
N LEU A 953 -4.15 5.77 -22.93
CA LEU A 953 -3.53 7.09 -22.60
C LEU A 953 -4.17 8.22 -23.41
N THR A 954 -5.01 7.89 -24.41
CA THR A 954 -5.59 8.83 -25.39
C THR A 954 -7.10 8.70 -25.46
N LYS A 955 -7.82 9.82 -25.28
CA LYS A 955 -9.23 10.06 -25.68
C LYS A 955 -9.45 9.79 -27.17
N SER A 956 -10.73 9.74 -27.57
CA SER A 956 -11.18 9.27 -28.91
C SER A 956 -10.68 10.23 -29.99
N SER A 957 -10.81 11.54 -29.76
CA SER A 957 -10.41 12.63 -30.69
C SER A 957 -8.88 12.69 -30.76
N ALA A 958 -8.26 11.67 -31.36
CA ALA A 958 -6.79 11.55 -31.49
C ALA A 958 -6.47 10.43 -32.48
N LYS A 959 -5.95 10.81 -33.65
CA LYS A 959 -5.74 9.89 -34.80
C LYS A 959 -4.77 8.77 -34.42
N THR A 960 -3.88 9.01 -33.46
CA THR A 960 -3.01 7.96 -32.87
C THR A 960 -3.46 7.67 -31.43
N GLN A 961 -4.10 6.51 -31.27
CA GLN A 961 -4.43 5.91 -29.96
C GLN A 961 -3.17 5.28 -29.37
N ARG A 962 -3.04 5.40 -28.05
CA ARG A 962 -1.87 4.92 -27.27
C ARG A 962 -2.39 4.25 -25.99
N VAL A 963 -1.82 3.10 -25.68
CA VAL A 963 -2.19 2.29 -24.48
C VAL A 963 -0.91 1.92 -23.74
N GLY A 964 -0.88 2.30 -22.45
CA GLY A 964 0.21 1.99 -21.52
C GLY A 964 0.00 0.68 -20.80
N TYR A 965 1.06 -0.11 -20.66
CA TYR A 965 1.12 -1.36 -19.86
C TYR A 965 2.31 -1.24 -18.90
N VAL A 966 2.05 -1.57 -17.64
CA VAL A 966 3.10 -1.90 -16.65
C VAL A 966 3.12 -3.42 -16.49
N LEU A 967 4.29 -4.00 -16.76
CA LEU A 967 4.60 -5.43 -16.55
C LEU A 967 5.52 -5.55 -15.35
N HIS A 968 5.10 -6.33 -14.37
CA HIS A 968 5.93 -6.78 -13.25
C HIS A 968 6.17 -8.28 -13.39
N ARG A 969 7.42 -8.71 -13.19
CA ARG A 969 7.77 -10.14 -13.03
C ARG A 969 8.36 -10.36 -11.65
N THR A 970 7.69 -11.13 -10.82
CA THR A 970 8.15 -11.48 -9.46
C THR A 970 9.25 -12.53 -9.61
N ASN A 971 9.72 -13.07 -8.50
CA ASN A 971 10.64 -14.22 -8.49
C ASN A 971 10.04 -15.26 -7.56
N LEU A 972 9.81 -16.46 -8.07
CA LEU A 972 9.23 -17.56 -7.27
C LEU A 972 10.36 -18.54 -6.99
N MET A 973 10.40 -19.11 -5.78
CA MET A 973 11.30 -20.24 -5.47
C MET A 973 11.04 -21.36 -6.48
N GLN A 974 12.10 -21.79 -7.18
CA GLN A 974 12.11 -23.00 -8.04
C GLN A 974 12.16 -24.23 -7.12
N CYS A 975 11.22 -25.15 -7.31
CA CYS A 975 11.04 -26.38 -6.49
C CYS A 975 10.92 -27.60 -7.42
N GLY A 976 11.40 -27.45 -8.67
CA GLY A 976 11.63 -28.57 -9.61
C GLY A 976 10.33 -29.16 -10.11
N THR A 977 9.35 -28.29 -10.41
CA THR A 977 8.09 -28.63 -11.11
C THR A 977 7.77 -27.50 -12.08
N PRO A 978 8.63 -27.25 -13.11
CA PRO A 978 8.26 -26.39 -14.23
C PRO A 978 7.42 -27.11 -15.32
N HIS A 981 3.62 -24.72 -21.62
CA HIS A 981 2.20 -24.34 -21.42
C HIS A 981 2.09 -22.80 -21.34
N THR A 982 3.01 -22.08 -21.99
CA THR A 982 3.31 -20.66 -21.73
C THR A 982 3.63 -19.91 -23.03
N GLN A 983 2.65 -19.17 -23.53
CA GLN A 983 2.82 -18.22 -24.66
C GLN A 983 3.60 -16.99 -24.14
N LYS A 984 4.60 -16.56 -24.90
CA LYS A 984 5.24 -15.22 -24.79
C LYS A 984 4.15 -14.14 -24.86
N LEU A 985 4.12 -13.23 -23.90
CA LEU A 985 3.20 -12.07 -23.93
C LEU A 985 3.95 -10.89 -24.55
N ASP A 986 3.41 -10.27 -25.59
CA ASP A 986 3.91 -9.00 -26.14
C ASP A 986 2.75 -8.00 -26.10
N VAL A 987 2.78 -7.09 -25.14
CA VAL A 987 1.62 -6.21 -24.83
C VAL A 987 1.43 -5.24 -26.00
N CYS A 988 2.44 -5.04 -26.85
CA CYS A 988 2.30 -4.07 -27.96
C CYS A 988 1.39 -4.63 -29.05
N HIS A 989 1.28 -5.97 -29.13
CA HIS A 989 0.41 -6.68 -30.10
C HIS A 989 -0.90 -7.17 -29.46
N LEU A 990 -1.25 -6.71 -28.25
CA LEU A 990 -2.56 -7.02 -27.61
C LEU A 990 -3.69 -6.31 -28.37
N LEU A 991 -3.57 -5.00 -28.57
CA LEU A 991 -4.49 -4.21 -29.42
C LEU A 991 -3.96 -4.30 -30.86
N PRO A 992 -4.85 -4.27 -31.87
CA PRO A 992 -4.43 -4.46 -33.26
C PRO A 992 -4.06 -3.12 -33.92
N ASN A 993 -3.45 -3.16 -35.12
CA ASN A 993 -3.05 -1.96 -35.89
C ASN A 993 -1.99 -1.18 -35.12
N VAL A 994 -1.06 -1.89 -34.45
CA VAL A 994 0.12 -1.25 -33.79
C VAL A 994 0.98 -0.58 -34.88
N ALA A 995 1.31 0.71 -34.68
CA ALA A 995 2.23 1.52 -35.50
C ALA A 995 3.59 1.71 -34.79
N ARG A 996 3.69 1.45 -33.48
CA ARG A 996 4.93 1.62 -32.68
C ARG A 996 4.79 1.00 -31.28
N CYS A 997 5.94 0.67 -30.69
CA CYS A 997 6.11 0.11 -29.33
C CYS A 997 7.31 0.79 -28.66
N GLU A 998 7.08 1.52 -27.55
CA GLU A 998 8.15 2.17 -26.76
C GLU A 998 8.22 1.56 -25.36
N ARG A 999 9.41 1.18 -24.91
CA ARG A 999 9.65 1.02 -23.45
C ARG A 999 9.65 2.43 -22.85
N THR A 1000 8.91 2.65 -21.75
CA THR A 1000 8.80 3.96 -21.07
C THR A 1000 9.20 3.87 -19.60
N THR A 1001 9.31 5.04 -18.94
CA THR A 1001 9.22 5.20 -17.47
C THR A 1001 7.86 4.63 -16.98
N LEU A 1002 7.78 4.22 -15.72
CA LEU A 1002 6.57 3.53 -15.16
C LEU A 1002 5.39 4.48 -15.12
N THR A 1003 5.63 5.80 -15.19
CA THR A 1003 4.62 6.89 -15.28
C THR A 1003 4.12 7.04 -16.73
N PHE A 1004 4.77 6.36 -17.68
CA PHE A 1004 4.50 6.43 -19.16
C PHE A 1004 4.99 7.79 -19.71
N LEU A 1005 5.73 8.60 -18.94
CA LEU A 1005 5.93 10.03 -19.31
C LEU A 1005 7.19 10.21 -20.15
N GLN A 1006 8.04 9.19 -20.26
CA GLN A 1006 9.33 9.28 -21.02
C GLN A 1006 9.56 8.00 -21.82
N ASN A 1007 10.00 8.15 -23.07
CA ASN A 1007 10.43 7.02 -23.93
C ASN A 1007 11.85 6.65 -23.52
N LEU A 1008 12.11 5.36 -23.33
CA LEU A 1008 13.47 4.85 -23.01
C LEU A 1008 13.99 4.09 -24.23
N GLU A 1009 13.10 3.67 -25.14
CA GLU A 1009 13.46 3.23 -26.52
C GLU A 1009 12.21 2.95 -27.34
N HIS A 1010 12.16 3.51 -28.57
CA HIS A 1010 11.44 2.92 -29.72
C HIS A 1010 12.00 1.51 -29.91
N LEU A 1011 11.12 0.51 -30.02
CA LEU A 1011 11.50 -0.93 -30.12
C LEU A 1011 11.39 -1.36 -31.58
N ASP A 1012 12.55 -1.51 -32.24
CA ASP A 1012 12.74 -2.30 -33.49
C ASP A 1012 12.14 -3.69 -33.25
N GLY A 1013 11.28 -4.16 -34.15
CA GLY A 1013 10.48 -5.38 -33.98
C GLY A 1013 9.04 -5.07 -33.61
N MET A 1014 8.76 -3.85 -33.12
CA MET A 1014 7.47 -3.44 -32.47
C MET A 1014 7.04 -4.48 -31.40
N VAL A 1015 8.00 -5.29 -30.90
CA VAL A 1015 7.81 -6.31 -29.82
C VAL A 1015 8.28 -5.67 -28.50
N ALA A 1016 7.50 -5.78 -27.41
CA ALA A 1016 7.98 -5.61 -26.02
C ALA A 1016 8.68 -6.90 -25.58
N PRO A 1017 10.00 -6.88 -25.22
CA PRO A 1017 10.68 -8.06 -24.69
C PRO A 1017 10.26 -8.44 -23.27
N GLU A 1018 10.51 -9.69 -22.88
CA GLU A 1018 10.17 -10.26 -21.54
C GLU A 1018 11.10 -9.60 -20.52
N VAL A 1019 10.59 -9.39 -19.31
CA VAL A 1019 11.28 -8.63 -18.23
C VAL A 1019 11.85 -9.64 -17.23
N CYS A 1020 12.95 -9.29 -16.56
CA CYS A 1020 13.72 -10.16 -15.66
C CYS A 1020 12.98 -10.37 -14.34
N PRO A 1021 13.31 -11.40 -13.54
CA PRO A 1021 12.68 -11.60 -12.25
C PRO A 1021 12.94 -10.39 -11.33
N MET A 1022 11.90 -9.90 -10.65
CA MET A 1022 11.91 -8.74 -9.71
C MET A 1022 12.12 -7.44 -10.50
N GLU A 1023 11.83 -7.44 -11.80
CA GLU A 1023 11.89 -6.20 -12.62
C GLU A 1023 10.46 -5.74 -12.95
N THR A 1024 10.30 -4.44 -13.09
CA THR A 1024 9.06 -3.78 -13.54
C THR A 1024 9.50 -2.90 -14.71
N ALA A 1025 8.75 -2.97 -15.80
CA ALA A 1025 8.98 -2.19 -17.03
C ALA A 1025 7.60 -1.79 -17.53
N ALA A 1026 7.53 -0.64 -18.20
CA ALA A 1026 6.32 -0.04 -18.79
C ALA A 1026 6.54 0.08 -20.29
N TYR A 1027 5.48 -0.11 -21.07
CA TYR A 1027 5.48 0.04 -22.54
C TYR A 1027 4.25 0.81 -22.94
N VAL A 1028 4.38 1.66 -23.95
CA VAL A 1028 3.24 2.29 -24.66
C VAL A 1028 3.24 1.80 -26.12
N SER A 1029 2.11 1.21 -26.53
CA SER A 1029 1.76 0.79 -27.90
C SER A 1029 0.92 1.88 -28.56
N SER A 1030 1.26 2.27 -29.80
CA SER A 1030 0.54 3.27 -30.64
C SER A 1030 -0.27 2.55 -31.72
N HIS A 1031 -1.41 3.10 -32.13
CA HIS A 1031 -2.37 2.48 -33.10
C HIS A 1031 -2.93 3.56 -34.01
N SER A 1032 -3.12 3.25 -35.30
CA SER A 1032 -3.29 4.23 -36.42
C SER A 1032 -4.76 4.52 -36.74
#